data_3WXG
#
_entry.id   3WXG
#
_cell.length_a   50.017
_cell.length_b   65.657
_cell.length_c   69.821
_cell.angle_alpha   103.49
_cell.angle_beta   89.86
_cell.angle_gamma   90.61
#
_symmetry.space_group_name_H-M   'P 1'
#
loop_
_entity.id
_entity.type
_entity.pdbx_description
1 polymer 'Uncharacterized protein'
2 polymer Ubiquitin
3 polymer Ubiquitin
#
loop_
_entity_poly.entity_id
_entity_poly.type
_entity_poly.pdbx_seq_one_letter_code
_entity_poly.pdbx_strand_id
1 'polypeptide(L)'
;SHMGLEVMVGKKKGIQGHYNSAYLDSTLFCLFSFSSVLDTVLLRPRSKTDVEYYKETQELLRTEIVNPLRIHGYVCATKI
MKLRRILEKVEAASGFTSEEKDPEEFLNILFHHILRVDPLLRLRSAGQKVQDCYFYQIFMDKKDKVMVPTSQQLLEWSFI
NSDLKFAEAPSCLIIQMPRFGKDFKMFNKIFPSLELDITDLLDDTPLEGGPHQQMELFAVLCIETSHYVAFVKYGSADSA
WLFFDSMADRDGGQNGFNIPQVSRCPEVGEYLKMTPEELHALDPKNIQGYARRLLCDAYMCMYQSPTMSLYK
;
A,D
2 'polypeptide(L)' MQIFVKTLTGKTITLEVEPSDTIENVKAKIQDKEGIPPDQQRLIFAGKQLEDGRTLSDYNIQRESTLHLVLRLRGG B,E
3 'polypeptide(L)' MQIFVKTLTGKTITLEVEPSDTIENVKAKIQDKEGIPPDQQRLIFAGKQLEDGRTLSDYNIQKESTLHLVLR C,F
#
# COMPACT_ATOMS: atom_id res chain seq x y z
N MET A 3 28.16 -15.45 10.59
CA MET A 3 27.12 -15.85 9.57
C MET A 3 25.72 -15.90 10.19
N GLY A 4 24.71 -15.76 9.35
CA GLY A 4 23.34 -15.57 9.87
C GLY A 4 22.31 -15.14 8.84
N LEU A 5 21.25 -14.46 9.30
CA LEU A 5 20.08 -14.12 8.47
C LEU A 5 19.92 -12.63 8.18
N GLU A 6 20.01 -11.83 9.23
CA GLU A 6 20.11 -10.37 9.10
C GLU A 6 20.97 -9.94 7.89
N VAL A 7 22.01 -10.72 7.59
CA VAL A 7 22.85 -10.45 6.42
C VAL A 7 22.09 -10.56 5.12
N MET A 8 21.26 -11.57 5.02
CA MET A 8 20.57 -11.92 3.78
C MET A 8 19.46 -10.96 3.36
N VAL A 9 18.90 -10.18 4.29
CA VAL A 9 17.66 -9.48 4.03
C VAL A 9 17.89 -8.00 3.70
N GLY A 10 17.12 -7.51 2.72
CA GLY A 10 17.06 -6.09 2.44
C GLY A 10 17.28 -5.83 0.99
N LYS A 11 17.42 -4.55 0.65
CA LYS A 11 17.64 -4.13 -0.71
C LYS A 11 19.12 -4.26 -0.99
N LYS A 12 19.50 -4.33 -2.26
CA LYS A 12 20.86 -4.68 -2.66
C LYS A 12 21.29 -5.96 -1.93
N LYS A 13 20.49 -7.00 -2.09
CA LYS A 13 20.77 -8.34 -1.56
C LYS A 13 20.26 -9.42 -2.49
N GLY A 14 20.98 -10.53 -2.48
CA GLY A 14 20.67 -11.63 -3.36
C GLY A 14 21.44 -11.45 -4.65
N ILE A 15 21.05 -12.25 -5.64
CA ILE A 15 21.72 -12.21 -6.93
C ILE A 15 21.20 -11.04 -7.80
N GLN A 16 22.07 -10.07 -8.05
CA GLN A 16 21.73 -8.93 -8.89
C GLN A 16 21.55 -9.42 -10.30
N GLY A 17 20.38 -9.22 -10.86
CA GLY A 17 20.12 -9.72 -12.18
C GLY A 17 20.61 -8.71 -13.17
N HIS A 18 20.59 -9.09 -14.42
CA HIS A 18 20.97 -8.19 -15.49
C HIS A 18 20.76 -8.90 -16.79
N TYR A 19 19.97 -8.28 -17.67
CA TYR A 19 19.87 -8.72 -19.05
C TYR A 19 19.29 -10.12 -19.13
N ASN A 20 18.00 -10.22 -18.86
CA ASN A 20 17.27 -11.48 -19.00
C ASN A 20 17.83 -12.61 -18.15
N SER A 21 18.33 -12.28 -16.97
CA SER A 21 18.98 -13.27 -16.11
C SER A 21 18.01 -14.01 -15.17
N ALA A 22 16.83 -13.46 -14.87
CA ALA A 22 16.04 -13.95 -13.73
C ALA A 22 15.76 -15.43 -13.71
N TYR A 23 15.62 -16.06 -14.88
CA TYR A 23 15.48 -17.53 -14.95
C TYR A 23 16.69 -18.27 -14.36
N LEU A 24 17.72 -17.53 -14.00
CA LEU A 24 18.95 -18.06 -13.49
C LEU A 24 19.20 -17.55 -12.08
N ASP A 25 19.17 -16.23 -11.89
CA ASP A 25 19.35 -15.63 -10.56
C ASP A 25 18.42 -16.26 -9.56
N SER A 26 17.17 -16.47 -9.96
CA SER A 26 16.12 -16.90 -9.04
C SER A 26 16.28 -18.37 -8.73
N THR A 27 16.65 -19.14 -9.74
CA THR A 27 16.83 -20.56 -9.57
C THR A 27 17.96 -20.82 -8.63
N LEU A 28 19.10 -20.19 -8.91
CA LEU A 28 20.28 -20.36 -8.09
C LEU A 28 19.92 -19.94 -6.69
N PHE A 29 19.19 -18.85 -6.53
CA PHE A 29 18.82 -18.47 -5.22
C PHE A 29 17.99 -19.51 -4.45
N CYS A 30 17.05 -20.17 -5.12
CA CYS A 30 16.28 -21.24 -4.50
C CYS A 30 17.14 -22.36 -3.98
N LEU A 31 17.96 -22.91 -4.87
CA LEU A 31 18.69 -24.11 -4.55
C LEU A 31 19.81 -23.93 -3.53
N PHE A 32 20.31 -22.72 -3.35
CA PHE A 32 21.56 -22.56 -2.61
C PHE A 32 21.58 -21.59 -1.46
N SER A 33 20.84 -20.50 -1.56
CA SER A 33 20.84 -19.46 -0.54
C SER A 33 20.80 -20.01 0.87
N PHE A 34 19.83 -20.86 1.15
CA PHE A 34 19.66 -21.41 2.50
C PHE A 34 19.79 -22.91 2.57
N SER A 35 19.23 -23.60 1.57
CA SER A 35 19.29 -25.06 1.53
C SER A 35 20.64 -25.61 1.19
N SER A 36 20.77 -26.90 1.46
CA SER A 36 22.00 -27.61 1.23
C SER A 36 21.79 -28.98 0.65
N VAL A 37 20.60 -29.32 0.14
CA VAL A 37 20.45 -30.58 -0.59
C VAL A 37 21.51 -30.78 -1.65
N LEU A 38 21.83 -29.72 -2.40
CA LEU A 38 22.67 -29.88 -3.57
C LEU A 38 24.09 -29.42 -3.39
N ASP A 39 24.49 -29.19 -2.14
CA ASP A 39 25.83 -28.70 -1.90
C ASP A 39 26.86 -29.68 -2.43
N THR A 40 26.62 -30.98 -2.26
CA THR A 40 27.58 -31.98 -2.74
C THR A 40 28.11 -31.68 -4.13
N VAL A 41 27.20 -31.37 -5.03
CA VAL A 41 27.56 -30.98 -6.39
C VAL A 41 28.76 -30.02 -6.46
N LEU A 42 28.69 -28.97 -5.66
CA LEU A 42 29.75 -27.97 -5.59
C LEU A 42 31.07 -28.47 -5.00
N LEU A 43 31.07 -29.71 -4.46
CA LEU A 43 32.22 -30.22 -3.71
C LEU A 43 32.90 -31.44 -4.32
N ARG A 44 32.13 -32.34 -4.91
CA ARG A 44 32.72 -33.44 -5.65
C ARG A 44 33.96 -32.92 -6.38
N PRO A 45 35.14 -33.51 -6.13
CA PRO A 45 36.30 -32.98 -6.80
C PRO A 45 36.44 -33.58 -8.20
N ARG A 46 37.42 -33.10 -8.94
CA ARG A 46 37.46 -33.35 -10.38
C ARG A 46 37.85 -34.78 -10.69
N SER A 47 36.95 -35.50 -11.36
CA SER A 47 37.27 -36.81 -11.93
C SER A 47 37.91 -36.64 -13.32
N LYS A 48 38.46 -37.73 -13.84
CA LYS A 48 38.99 -37.79 -15.21
C LYS A 48 37.84 -37.67 -16.21
N THR A 49 36.71 -38.27 -15.86
CA THR A 49 35.59 -38.45 -16.77
C THR A 49 34.81 -37.16 -17.11
N ASP A 50 34.91 -36.16 -16.25
CA ASP A 50 34.14 -34.91 -16.41
C ASP A 50 34.68 -34.07 -17.55
N VAL A 51 33.98 -32.98 -17.84
CA VAL A 51 34.32 -32.13 -18.96
C VAL A 51 35.50 -31.24 -18.61
N GLU A 52 36.08 -30.62 -19.63
CA GLU A 52 37.19 -29.71 -19.46
C GLU A 52 36.88 -28.55 -18.53
N TYR A 53 35.66 -28.02 -18.63
CA TYR A 53 35.26 -26.80 -17.90
C TYR A 53 34.89 -27.07 -16.45
N TYR A 54 34.68 -28.34 -16.13
CA TYR A 54 34.07 -28.70 -14.89
C TYR A 54 34.68 -28.00 -13.66
N LYS A 55 35.99 -28.00 -13.54
CA LYS A 55 36.59 -27.40 -12.36
C LYS A 55 36.21 -25.93 -12.25
N GLU A 56 36.31 -25.22 -13.36
CA GLU A 56 36.06 -23.78 -13.38
C GLU A 56 34.63 -23.45 -12.98
N THR A 57 33.71 -24.23 -13.50
CA THR A 57 32.32 -24.08 -13.18
C THR A 57 32.18 -24.21 -11.69
N GLN A 58 32.71 -25.29 -11.15
CA GLN A 58 32.50 -25.56 -9.77
C GLN A 58 33.16 -24.48 -8.94
N GLU A 59 34.24 -23.88 -9.41
CA GLU A 59 34.89 -22.82 -8.64
C GLU A 59 34.06 -21.57 -8.53
N LEU A 60 33.54 -21.16 -9.67
CA LEU A 60 32.76 -19.94 -9.80
C LEU A 60 31.51 -20.05 -8.93
N LEU A 61 30.84 -21.16 -9.11
CA LEU A 61 29.67 -21.51 -8.34
C LEU A 61 29.87 -21.49 -6.83
N ARG A 62 30.90 -22.16 -6.36
CA ARG A 62 31.11 -22.29 -4.93
C ARG A 62 31.58 -20.96 -4.32
N THR A 63 32.64 -20.43 -4.89
CA THR A 63 33.41 -19.40 -4.21
C THR A 63 33.13 -17.99 -4.65
N GLU A 64 32.63 -17.83 -5.86
CA GLU A 64 32.28 -16.52 -6.36
C GLU A 64 30.77 -16.27 -6.39
N ILE A 65 30.00 -17.29 -6.04
CA ILE A 65 28.55 -17.18 -6.09
C ILE A 65 27.95 -17.67 -4.80
N VAL A 66 28.00 -18.98 -4.55
CA VAL A 66 27.28 -19.49 -3.41
C VAL A 66 27.90 -18.94 -2.15
N ASN A 67 29.22 -19.06 -1.99
CA ASN A 67 29.86 -18.55 -0.77
C ASN A 67 29.47 -17.11 -0.46
N PRO A 68 29.84 -16.17 -1.35
CA PRO A 68 29.54 -14.76 -1.07
C PRO A 68 28.04 -14.45 -1.00
N LEU A 69 27.18 -15.33 -1.51
CA LEU A 69 25.78 -15.22 -1.25
C LEU A 69 25.51 -15.48 0.23
N ARG A 70 26.03 -16.59 0.72
CA ARG A 70 25.72 -17.01 2.07
C ARG A 70 26.39 -16.14 3.11
N ILE A 71 27.50 -15.52 2.74
CA ILE A 71 28.31 -14.84 3.73
C ILE A 71 28.02 -13.35 3.77
N HIS A 72 27.95 -12.74 2.59
CA HIS A 72 27.69 -11.30 2.47
C HIS A 72 26.22 -11.01 2.14
N GLY A 73 25.53 -12.00 1.56
CA GLY A 73 24.14 -11.83 1.22
C GLY A 73 23.92 -11.15 -0.10
N TYR A 74 24.97 -11.04 -0.91
CA TYR A 74 24.91 -10.34 -2.20
C TYR A 74 25.82 -10.97 -3.27
N VAL A 75 25.38 -10.94 -4.52
CA VAL A 75 26.21 -11.39 -5.63
C VAL A 75 26.06 -10.52 -6.86
N CYS A 76 27.18 -9.98 -7.31
CA CYS A 76 27.24 -9.07 -8.46
C CYS A 76 26.85 -9.85 -9.71
N ALA A 77 26.30 -9.15 -10.68
CA ALA A 77 25.85 -9.81 -11.91
C ALA A 77 27.07 -10.22 -12.73
N THR A 78 28.14 -9.47 -12.56
CA THR A 78 29.42 -9.80 -13.12
C THR A 78 29.64 -11.32 -13.16
N LYS A 79 29.42 -11.95 -12.01
CA LYS A 79 29.73 -13.37 -11.82
C LYS A 79 28.73 -14.27 -12.50
N ILE A 80 27.51 -13.79 -12.65
CA ILE A 80 26.46 -14.58 -13.26
C ILE A 80 26.77 -14.67 -14.73
N MET A 81 27.13 -13.55 -15.32
CA MET A 81 27.41 -13.54 -16.71
C MET A 81 28.49 -14.58 -17.04
N LYS A 82 29.49 -14.68 -16.19
CA LYS A 82 30.53 -15.68 -16.41
C LYS A 82 29.88 -17.04 -16.56
N LEU A 83 29.15 -17.46 -15.53
CA LEU A 83 28.45 -18.73 -15.60
C LEU A 83 27.73 -18.92 -16.92
N ARG A 84 27.00 -17.90 -17.33
CA ARG A 84 26.25 -17.94 -18.55
C ARG A 84 27.17 -18.33 -19.67
N ARG A 85 28.30 -17.63 -19.77
CA ARG A 85 29.27 -17.90 -20.82
C ARG A 85 29.60 -19.36 -20.95
N ILE A 86 29.92 -19.97 -19.82
CA ILE A 86 30.24 -21.39 -19.77
C ILE A 86 29.09 -22.20 -20.31
N LEU A 87 27.90 -21.92 -19.79
CA LEU A 87 26.71 -22.55 -20.31
C LEU A 87 26.74 -22.58 -21.82
N GLU A 88 27.13 -21.47 -22.44
CA GLU A 88 27.09 -21.41 -23.89
C GLU A 88 28.16 -22.25 -24.53
N LYS A 89 29.27 -22.45 -23.82
CA LYS A 89 30.38 -23.27 -24.32
C LYS A 89 30.00 -24.72 -24.54
N VAL A 90 28.89 -25.16 -23.95
CA VAL A 90 28.32 -26.47 -24.23
C VAL A 90 27.47 -26.41 -25.48
N GLU A 91 26.54 -25.46 -25.45
CA GLU A 91 25.59 -25.29 -26.51
C GLU A 91 25.70 -23.89 -27.10
N ALA A 92 26.65 -23.76 -28.02
CA ALA A 92 26.72 -22.61 -28.90
C ALA A 92 25.39 -22.59 -29.66
N ALA A 93 24.82 -21.39 -29.84
CA ALA A 93 23.44 -21.20 -30.35
C ALA A 93 22.36 -21.58 -29.32
N SER A 94 22.70 -21.47 -28.04
CA SER A 94 21.72 -21.58 -26.99
C SER A 94 21.23 -20.22 -26.57
N GLY A 95 22.10 -19.21 -26.60
CA GLY A 95 21.69 -17.86 -26.23
C GLY A 95 21.51 -17.72 -24.74
N PHE A 96 22.32 -18.45 -23.99
CA PHE A 96 22.28 -18.29 -22.56
C PHE A 96 22.78 -16.94 -22.15
N THR A 97 23.73 -16.40 -22.91
CA THR A 97 24.29 -15.07 -22.66
C THR A 97 23.29 -13.93 -22.81
N SER A 98 22.30 -14.07 -23.68
CA SER A 98 21.37 -12.95 -23.97
C SER A 98 19.88 -13.28 -23.86
N GLU A 99 19.50 -14.43 -24.42
CA GLU A 99 18.11 -14.80 -24.53
C GLU A 99 17.47 -15.12 -23.20
N GLU A 100 16.16 -14.90 -23.15
CA GLU A 100 15.32 -15.38 -22.07
C GLU A 100 15.28 -16.89 -22.16
N LYS A 101 15.33 -17.54 -21.00
CA LYS A 101 15.45 -18.98 -20.90
C LYS A 101 14.50 -19.53 -19.85
N ASP A 102 14.35 -20.86 -19.84
CA ASP A 102 13.56 -21.58 -18.85
C ASP A 102 14.53 -22.27 -17.88
N PRO A 103 14.30 -22.11 -16.56
CA PRO A 103 15.13 -22.79 -15.54
C PRO A 103 15.40 -24.27 -15.85
N GLU A 104 14.37 -24.99 -16.32
CA GLU A 104 14.56 -26.34 -16.85
C GLU A 104 15.76 -26.33 -17.80
N GLU A 105 15.76 -25.42 -18.76
CA GLU A 105 16.85 -25.34 -19.75
C GLU A 105 18.15 -25.16 -19.06
N PHE A 106 18.23 -24.12 -18.25
CA PHE A 106 19.45 -23.82 -17.53
C PHE A 106 19.91 -24.96 -16.62
N LEU A 107 18.99 -25.53 -15.84
CA LEU A 107 19.31 -26.67 -14.97
C LEU A 107 19.82 -27.88 -15.71
N ASN A 108 19.10 -28.30 -16.74
CA ASN A 108 19.52 -29.46 -17.56
C ASN A 108 20.93 -29.36 -18.09
N ILE A 109 21.19 -28.24 -18.73
CA ILE A 109 22.51 -27.99 -19.24
C ILE A 109 23.53 -28.14 -18.13
N LEU A 110 23.32 -27.42 -17.05
CA LEU A 110 24.31 -27.38 -16.01
C LEU A 110 24.55 -28.75 -15.39
N PHE A 111 23.48 -29.36 -14.89
CA PHE A 111 23.57 -30.63 -14.17
C PHE A 111 24.01 -31.79 -15.02
N HIS A 112 23.27 -32.04 -16.08
CA HIS A 112 23.58 -33.16 -16.95
C HIS A 112 24.91 -32.96 -17.64
N HIS A 113 25.09 -31.80 -18.24
CA HIS A 113 26.24 -31.59 -19.10
C HIS A 113 27.57 -31.19 -18.48
N ILE A 114 27.58 -30.59 -17.31
CA ILE A 114 28.86 -30.12 -16.79
C ILE A 114 29.26 -30.79 -15.53
N LEU A 115 28.42 -30.71 -14.52
CA LEU A 115 28.72 -31.33 -13.26
C LEU A 115 28.04 -32.66 -13.17
N ARG A 116 28.24 -33.48 -14.19
CA ARG A 116 27.26 -34.53 -14.45
C ARG A 116 26.80 -35.09 -13.11
N VAL A 117 25.56 -34.78 -12.78
CA VAL A 117 25.01 -35.07 -11.49
C VAL A 117 24.09 -36.25 -11.64
N ASP A 118 24.26 -37.21 -10.74
CA ASP A 118 23.42 -38.38 -10.73
C ASP A 118 21.99 -37.81 -10.75
N PRO A 119 21.13 -38.29 -11.68
CA PRO A 119 19.73 -37.87 -11.73
C PRO A 119 19.11 -37.72 -10.35
N LEU A 120 18.37 -36.64 -10.15
CA LEU A 120 17.76 -36.40 -8.84
C LEU A 120 16.55 -37.30 -8.66
N LEU A 121 15.97 -37.77 -9.76
CA LEU A 121 14.79 -38.64 -9.71
C LEU A 121 15.00 -39.95 -10.48
N ARG A 122 14.26 -40.96 -10.04
CA ARG A 122 14.17 -42.27 -10.68
C ARG A 122 12.70 -42.68 -10.65
N LEU A 123 12.11 -42.97 -11.80
CA LEU A 123 10.68 -43.23 -11.84
C LEU A 123 10.34 -44.38 -12.74
N ARG A 124 9.47 -45.26 -12.27
CA ARG A 124 9.13 -46.47 -12.98
C ARG A 124 7.67 -46.46 -13.38
N SER A 125 7.41 -46.17 -14.65
CA SER A 125 6.04 -46.27 -15.18
C SER A 125 5.67 -47.70 -15.49
N ALA A 126 4.45 -48.09 -15.11
CA ALA A 126 3.88 -49.37 -15.54
C ALA A 126 4.76 -50.55 -15.14
N GLY A 127 5.54 -50.37 -14.08
CA GLY A 127 6.51 -51.36 -13.69
C GLY A 127 7.50 -51.69 -14.80
N GLN A 128 7.61 -50.79 -15.79
CA GLN A 128 8.50 -51.00 -16.91
C GLN A 128 9.88 -50.44 -16.56
N LYS A 129 10.72 -50.21 -17.55
CA LYS A 129 12.07 -49.74 -17.25
C LYS A 129 12.04 -48.42 -16.48
N VAL A 130 13.08 -48.17 -15.69
CA VAL A 130 13.20 -46.90 -14.98
C VAL A 130 13.40 -45.78 -15.98
N GLN A 131 13.22 -44.56 -15.49
CA GLN A 131 13.61 -43.38 -16.21
C GLN A 131 14.16 -42.37 -15.22
N ASP A 132 15.20 -41.66 -15.61
CA ASP A 132 15.82 -40.68 -14.76
C ASP A 132 15.56 -39.32 -15.33
N CYS A 133 15.47 -38.35 -14.42
CA CYS A 133 15.35 -36.95 -14.78
C CYS A 133 15.77 -36.15 -13.57
N TYR A 134 15.67 -34.82 -13.69
CA TYR A 134 16.01 -33.91 -12.61
C TYR A 134 14.77 -33.16 -12.04
N PHE A 135 13.63 -33.28 -12.72
CA PHE A 135 12.40 -32.67 -12.23
C PHE A 135 11.17 -33.30 -12.86
N TYR A 136 10.06 -33.25 -12.13
CA TYR A 136 8.80 -33.82 -12.59
C TYR A 136 7.85 -32.71 -12.94
N GLN A 137 7.16 -32.89 -14.07
CA GLN A 137 6.15 -31.97 -14.53
C GLN A 137 4.81 -32.57 -14.22
N ILE A 138 4.00 -31.81 -13.51
CA ILE A 138 2.66 -32.24 -13.23
C ILE A 138 1.89 -32.24 -14.51
N PHE A 139 1.14 -33.30 -14.77
CA PHE A 139 0.21 -33.35 -15.88
C PHE A 139 -1.04 -34.11 -15.48
N MET A 140 -2.20 -33.64 -15.92
CA MET A 140 -3.45 -34.24 -15.49
C MET A 140 -4.65 -33.62 -16.17
N ASP A 141 -5.82 -34.09 -15.78
CA ASP A 141 -7.09 -33.60 -16.31
C ASP A 141 -7.97 -32.93 -15.22
N LYS A 142 -8.34 -31.67 -15.45
CA LYS A 142 -8.88 -30.79 -14.38
C LYS A 142 -10.33 -30.93 -13.88
N LYS A 143 -11.29 -31.18 -14.79
CA LYS A 143 -12.70 -30.74 -14.58
C LYS A 143 -13.31 -31.28 -13.29
N ASP A 144 -13.20 -32.60 -13.14
CA ASP A 144 -13.64 -33.30 -11.93
C ASP A 144 -12.98 -32.89 -10.60
N LYS A 145 -12.11 -31.87 -10.61
CA LYS A 145 -11.26 -31.54 -9.45
C LYS A 145 -11.73 -30.25 -8.74
N VAL A 146 -10.92 -29.82 -7.77
CA VAL A 146 -11.18 -28.63 -6.97
C VAL A 146 -10.77 -27.40 -7.77
N MET A 147 -10.96 -26.24 -7.16
CA MET A 147 -10.45 -24.99 -7.69
C MET A 147 -9.00 -24.73 -7.28
N VAL A 148 -8.68 -24.94 -6.01
CA VAL A 148 -7.30 -24.83 -5.51
C VAL A 148 -6.88 -26.16 -4.91
N PRO A 149 -6.02 -26.89 -5.61
CA PRO A 149 -5.44 -28.13 -5.11
C PRO A 149 -4.10 -27.86 -4.44
N THR A 150 -3.48 -28.93 -3.96
CA THR A 150 -2.21 -28.82 -3.28
C THR A 150 -1.15 -29.45 -4.17
N SER A 151 0.12 -29.17 -3.89
CA SER A 151 1.15 -29.91 -4.57
C SER A 151 0.92 -31.41 -4.40
N GLN A 152 0.60 -31.85 -3.17
CA GLN A 152 0.32 -33.26 -2.91
C GLN A 152 -0.62 -33.81 -3.98
N GLN A 153 -1.80 -33.24 -4.06
CA GLN A 153 -2.83 -33.81 -4.91
C GLN A 153 -2.38 -33.83 -6.34
N LEU A 154 -1.85 -32.69 -6.77
CA LEU A 154 -1.35 -32.58 -8.11
C LEU A 154 -0.40 -33.71 -8.35
N LEU A 155 0.59 -33.84 -7.48
CA LEU A 155 1.61 -34.82 -7.67
C LEU A 155 1.00 -36.20 -7.77
N GLU A 156 0.19 -36.54 -6.78
CA GLU A 156 -0.48 -37.82 -6.77
C GLU A 156 -1.26 -38.00 -8.08
N TRP A 157 -2.19 -37.08 -8.34
CA TRP A 157 -3.00 -37.15 -9.55
C TRP A 157 -2.10 -37.31 -10.78
N SER A 158 -0.98 -36.58 -10.83
CA SER A 158 -0.08 -36.70 -11.97
C SER A 158 0.61 -38.05 -12.04
N PHE A 159 0.91 -38.61 -10.88
CA PHE A 159 1.54 -39.91 -10.80
C PHE A 159 0.63 -41.04 -11.23
N ILE A 160 -0.63 -40.91 -10.89
CA ILE A 160 -1.61 -41.86 -11.38
C ILE A 160 -1.65 -41.85 -12.89
N ASN A 161 -2.19 -40.78 -13.47
CA ASN A 161 -2.79 -40.89 -14.80
C ASN A 161 -1.83 -41.31 -15.92
N SER A 162 -0.52 -41.14 -15.73
CA SER A 162 0.43 -41.94 -16.47
C SER A 162 1.04 -42.77 -15.38
N ASP A 163 0.63 -44.02 -15.29
CA ASP A 163 1.01 -44.90 -14.18
C ASP A 163 2.49 -44.79 -13.85
N LEU A 164 2.84 -44.19 -12.71
CA LEU A 164 4.25 -43.98 -12.32
C LEU A 164 4.47 -44.14 -10.87
N LYS A 165 5.73 -44.36 -10.49
CA LYS A 165 6.16 -44.42 -9.10
C LYS A 165 7.64 -44.19 -9.00
N PHE A 166 8.09 -43.75 -7.84
CA PHE A 166 9.50 -43.55 -7.60
C PHE A 166 10.15 -44.91 -7.43
N ALA A 167 11.23 -45.17 -8.15
CA ALA A 167 12.07 -46.32 -7.85
C ALA A 167 12.54 -46.22 -6.40
N GLU A 168 13.20 -45.12 -6.07
CA GLU A 168 13.71 -44.92 -4.72
C GLU A 168 13.43 -43.51 -4.21
N ALA A 169 13.49 -43.35 -2.90
CA ALA A 169 13.28 -42.04 -2.28
C ALA A 169 14.27 -41.06 -2.88
N PRO A 170 13.76 -39.93 -3.40
CA PRO A 170 14.66 -38.89 -3.84
C PRO A 170 15.14 -38.05 -2.67
N SER A 171 16.31 -37.44 -2.83
CA SER A 171 16.86 -36.54 -1.82
C SER A 171 16.31 -35.15 -2.05
N CYS A 172 15.84 -34.90 -3.27
CA CYS A 172 15.58 -33.55 -3.72
C CYS A 172 14.61 -33.51 -4.91
N LEU A 173 13.41 -32.99 -4.68
CA LEU A 173 12.30 -33.14 -5.63
C LEU A 173 11.77 -31.82 -6.15
N ILE A 174 11.98 -31.56 -7.45
CA ILE A 174 11.52 -30.32 -8.10
C ILE A 174 10.31 -30.54 -9.03
N ILE A 175 9.21 -29.89 -8.70
CA ILE A 175 7.94 -30.12 -9.35
C ILE A 175 7.53 -28.91 -10.15
N GLN A 176 7.14 -29.11 -11.39
CA GLN A 176 6.70 -28.00 -12.23
C GLN A 176 5.19 -27.96 -12.23
N MET A 177 4.61 -26.79 -12.07
CA MET A 177 3.16 -26.67 -12.03
C MET A 177 2.50 -26.92 -13.40
N PRO A 178 1.18 -27.25 -13.38
CA PRO A 178 0.44 -27.51 -14.62
C PRO A 178 0.09 -26.23 -15.37
N ARG A 179 0.98 -25.85 -16.30
CA ARG A 179 0.92 -24.54 -16.99
C ARG A 179 1.21 -24.62 -18.47
N PHE A 180 0.26 -24.22 -19.29
CA PHE A 180 0.42 -24.28 -20.73
C PHE A 180 0.85 -22.91 -21.20
N GLY A 181 2.14 -22.64 -21.06
CA GLY A 181 2.76 -21.37 -21.42
C GLY A 181 2.30 -20.16 -20.60
N LYS A 182 2.58 -18.97 -21.13
CA LYS A 182 2.13 -17.72 -20.53
C LYS A 182 0.62 -17.64 -20.33
N ASP A 183 -0.13 -18.18 -21.27
CA ASP A 183 -1.55 -17.89 -21.37
C ASP A 183 -2.47 -18.86 -20.67
N PHE A 184 -1.93 -19.78 -19.88
CA PHE A 184 -2.76 -20.82 -19.30
C PHE A 184 -2.23 -21.37 -18.01
N LYS A 185 -2.91 -21.05 -16.92
CA LYS A 185 -2.73 -21.74 -15.67
C LYS A 185 -3.84 -22.74 -15.68
N MET A 186 -3.64 -23.86 -15.03
CA MET A 186 -4.73 -24.80 -14.83
C MET A 186 -5.56 -24.34 -13.64
N PHE A 187 -4.89 -23.70 -12.68
CA PHE A 187 -5.54 -23.15 -11.49
C PHE A 187 -5.02 -21.77 -11.21
N ASN A 188 -5.92 -20.90 -10.78
CA ASN A 188 -5.54 -19.58 -10.39
C ASN A 188 -4.65 -19.65 -9.18
N LYS A 189 -5.01 -20.55 -8.27
CA LYS A 189 -4.29 -20.70 -7.02
C LYS A 189 -3.97 -22.16 -6.77
N ILE A 190 -2.77 -22.38 -6.26
CA ILE A 190 -2.33 -23.69 -5.90
C ILE A 190 -1.76 -23.58 -4.50
N PHE A 191 -2.19 -24.49 -3.63
CA PHE A 191 -1.69 -24.54 -2.28
C PHE A 191 -0.44 -25.38 -2.29
N PRO A 192 0.71 -24.77 -2.11
CA PRO A 192 1.88 -25.59 -2.02
C PRO A 192 1.94 -26.32 -0.67
N SER A 193 1.86 -27.66 -0.72
CA SER A 193 1.98 -28.51 0.46
C SER A 193 3.29 -28.21 1.13
N LEU A 194 3.22 -27.84 2.39
CA LEU A 194 4.45 -27.58 3.14
C LEU A 194 5.32 -28.83 3.30
N GLU A 195 4.66 -29.96 3.52
CA GLU A 195 5.31 -31.25 3.62
C GLU A 195 4.58 -32.21 2.69
N LEU A 196 5.32 -33.24 2.28
CA LEU A 196 4.92 -34.10 1.18
C LEU A 196 5.20 -35.56 1.58
N ASP A 197 4.15 -36.37 1.60
CA ASP A 197 4.25 -37.79 1.95
C ASP A 197 4.28 -38.57 0.64
N ILE A 198 5.37 -39.27 0.36
CA ILE A 198 5.43 -40.01 -0.89
C ILE A 198 5.36 -41.50 -0.67
N THR A 199 4.89 -41.91 0.50
CA THR A 199 4.92 -43.31 0.83
C THR A 199 4.11 -44.10 -0.21
N ASP A 200 2.93 -43.61 -0.56
CA ASP A 200 2.13 -44.27 -1.57
C ASP A 200 2.80 -44.39 -2.95
N LEU A 201 3.84 -43.60 -3.20
CA LEU A 201 4.33 -43.40 -4.57
C LEU A 201 5.68 -44.04 -4.89
N LEU A 202 6.10 -44.98 -4.05
CA LEU A 202 7.29 -45.78 -4.32
C LEU A 202 6.99 -47.23 -3.98
N ASP A 203 7.80 -48.16 -4.47
CA ASP A 203 7.58 -49.59 -4.23
C ASP A 203 7.82 -49.97 -2.75
N GLN A 213 9.76 -41.87 3.63
CA GLN A 213 8.35 -41.49 3.86
C GLN A 213 8.00 -39.99 3.57
N GLN A 214 8.84 -39.07 4.05
CA GLN A 214 8.47 -37.64 4.12
C GLN A 214 9.44 -36.66 3.44
N MET A 215 8.90 -35.59 2.84
CA MET A 215 9.69 -34.58 2.11
C MET A 215 9.20 -33.17 2.40
N GLU A 216 10.12 -32.21 2.54
CA GLU A 216 9.75 -30.84 2.98
C GLU A 216 10.07 -29.72 1.98
N LEU A 217 9.15 -28.77 1.91
CA LEU A 217 9.17 -27.71 0.92
C LEU A 217 10.17 -26.68 1.34
N PHE A 218 11.14 -26.39 0.50
CA PHE A 218 12.20 -25.46 0.85
C PHE A 218 12.33 -24.25 -0.05
N ALA A 219 11.56 -24.20 -1.12
CA ALA A 219 11.49 -23.00 -1.94
C ALA A 219 10.43 -23.16 -3.03
N VAL A 220 9.93 -22.02 -3.51
CA VAL A 220 9.01 -21.98 -4.62
C VAL A 220 9.48 -20.96 -5.59
N LEU A 221 9.41 -21.30 -6.85
CA LEU A 221 9.89 -20.43 -7.88
C LEU A 221 8.70 -19.88 -8.62
N CYS A 222 8.61 -18.57 -8.74
CA CYS A 222 7.43 -17.97 -9.33
C CYS A 222 7.65 -17.20 -10.59
N ILE A 223 6.55 -17.03 -11.31
CA ILE A 223 6.54 -16.25 -12.52
C ILE A 223 5.09 -16.00 -12.91
N GLU A 224 4.69 -14.74 -12.98
CA GLU A 224 3.32 -14.40 -13.34
C GLU A 224 3.10 -14.65 -14.83
N THR A 225 3.93 -14.00 -15.65
CA THR A 225 4.00 -14.30 -17.10
C THR A 225 5.43 -14.32 -17.65
N SER A 226 6.28 -13.40 -17.23
CA SER A 226 7.57 -13.26 -17.86
C SER A 226 8.74 -12.86 -16.98
N HIS A 227 8.56 -12.76 -15.68
CA HIS A 227 9.65 -12.42 -14.79
C HIS A 227 9.72 -13.35 -13.59
N TYR A 228 10.91 -13.87 -13.34
CA TYR A 228 11.12 -14.88 -12.33
C TYR A 228 11.54 -14.27 -11.00
N VAL A 229 10.89 -14.75 -9.95
CA VAL A 229 11.17 -14.31 -8.60
C VAL A 229 11.04 -15.55 -7.76
N ALA A 230 11.51 -15.49 -6.53
CA ALA A 230 11.64 -16.71 -5.76
C ALA A 230 11.28 -16.50 -4.32
N PHE A 231 10.72 -17.54 -3.72
CA PHE A 231 10.44 -17.60 -2.31
C PHE A 231 11.22 -18.71 -1.69
N VAL A 232 11.66 -18.48 -0.47
CA VAL A 232 12.53 -19.41 0.17
C VAL A 232 12.06 -19.59 1.60
N LYS A 233 12.04 -20.87 1.99
CA LYS A 233 11.82 -21.29 3.34
C LYS A 233 13.19 -21.33 3.98
N TYR A 234 13.44 -20.50 4.98
CA TYR A 234 14.74 -20.55 5.64
C TYR A 234 14.67 -21.24 7.01
N GLY A 235 13.47 -21.60 7.46
CA GLY A 235 13.29 -22.18 8.79
C GLY A 235 12.06 -23.06 8.87
N SER A 236 12.04 -23.87 9.91
CA SER A 236 10.94 -24.79 10.18
C SER A 236 9.72 -23.98 10.59
N ALA A 237 10.00 -22.86 11.24
CA ALA A 237 8.99 -21.85 11.57
C ALA A 237 7.99 -21.61 10.45
N ASP A 238 6.79 -21.22 10.83
CA ASP A 238 5.75 -20.85 9.90
C ASP A 238 6.14 -19.57 9.18
N SER A 239 6.74 -18.63 9.91
CA SER A 239 7.03 -17.32 9.34
C SER A 239 8.29 -17.31 8.50
N ALA A 240 9.04 -18.40 8.48
CA ALA A 240 10.41 -18.36 7.97
C ALA A 240 10.48 -18.31 6.49
N TRP A 241 9.91 -17.27 5.89
CA TRP A 241 9.91 -17.13 4.46
C TRP A 241 10.51 -15.81 3.98
N LEU A 242 11.16 -15.88 2.83
CA LEU A 242 11.73 -14.71 2.19
C LEU A 242 11.28 -14.61 0.74
N PHE A 243 11.25 -13.40 0.22
CA PHE A 243 10.99 -13.16 -1.17
C PHE A 243 12.17 -12.49 -1.84
N PHE A 244 12.46 -12.91 -3.05
CA PHE A 244 13.64 -12.46 -3.78
C PHE A 244 13.25 -12.01 -5.15
N ASP A 245 13.69 -10.81 -5.51
CA ASP A 245 13.56 -10.33 -6.87
C ASP A 245 14.90 -9.71 -7.29
N SER A 246 15.54 -10.29 -8.31
CA SER A 246 16.85 -9.88 -8.76
C SER A 246 16.85 -8.51 -9.37
N MET A 247 15.70 -8.09 -9.86
CA MET A 247 15.55 -6.80 -10.52
C MET A 247 14.40 -6.10 -9.86
N ALA A 248 14.50 -5.89 -8.57
CA ALA A 248 13.43 -5.22 -7.88
C ALA A 248 13.50 -3.70 -8.10
N ASP A 249 14.66 -3.18 -8.50
CA ASP A 249 14.85 -1.75 -8.65
C ASP A 249 16.09 -1.41 -9.47
N ARG A 250 16.08 -0.21 -10.04
CA ARG A 250 17.16 0.26 -10.87
C ARG A 250 17.68 1.63 -10.48
N ASP A 251 18.91 1.90 -10.89
CA ASP A 251 19.46 3.25 -10.89
C ASP A 251 20.28 3.46 -12.18
N GLY A 252 20.14 4.65 -12.79
CA GLY A 252 20.68 4.93 -14.12
C GLY A 252 19.58 4.74 -15.14
N GLY A 253 19.72 5.34 -16.31
CA GLY A 253 18.68 5.22 -17.36
C GLY A 253 18.78 3.90 -18.10
N GLN A 254 18.64 3.97 -19.42
CA GLN A 254 19.00 2.85 -20.30
C GLN A 254 20.42 2.36 -19.93
N ASN A 255 21.32 3.33 -19.73
CA ASN A 255 22.61 3.09 -19.14
C ASN A 255 22.26 2.96 -17.68
N GLY A 256 22.50 1.79 -17.10
CA GLY A 256 22.15 1.64 -15.70
C GLY A 256 22.47 0.28 -15.15
N PHE A 257 21.78 -0.07 -14.07
CA PHE A 257 22.04 -1.30 -13.37
C PHE A 257 20.92 -1.63 -12.41
N ASN A 258 20.61 -2.92 -12.32
CA ASN A 258 19.55 -3.42 -11.50
C ASN A 258 20.00 -3.52 -10.08
N ILE A 259 19.02 -3.58 -9.20
CA ILE A 259 19.26 -3.77 -7.80
C ILE A 259 18.34 -4.86 -7.26
N PRO A 260 18.92 -5.95 -6.77
CA PRO A 260 18.09 -7.00 -6.29
C PRO A 260 17.62 -6.66 -4.91
N GLN A 261 16.54 -7.27 -4.49
CA GLN A 261 16.04 -7.12 -3.13
C GLN A 261 15.49 -8.44 -2.59
N VAL A 262 15.64 -8.58 -1.29
CA VAL A 262 15.19 -9.74 -0.53
C VAL A 262 14.40 -9.25 0.66
N SER A 263 13.17 -9.71 0.83
CA SER A 263 12.31 -9.18 1.87
C SER A 263 11.67 -10.28 2.67
N ARG A 264 11.47 -10.04 3.96
CA ARG A 264 10.76 -10.99 4.79
C ARG A 264 9.29 -11.00 4.42
N CYS A 265 8.67 -12.17 4.51
CA CYS A 265 7.22 -12.24 4.29
C CYS A 265 6.56 -13.35 5.11
N PRO A 266 6.41 -13.11 6.42
CA PRO A 266 5.74 -14.13 7.24
C PRO A 266 4.38 -14.49 6.70
N GLU A 267 3.71 -13.50 6.16
CA GLU A 267 2.34 -13.66 5.72
C GLU A 267 2.20 -14.94 4.95
N VAL A 268 3.20 -15.27 4.15
CA VAL A 268 3.15 -16.47 3.33
C VAL A 268 2.79 -17.65 4.21
N GLY A 269 3.47 -17.68 5.35
CA GLY A 269 3.30 -18.76 6.30
C GLY A 269 1.87 -18.76 6.77
N GLU A 270 1.40 -17.60 7.17
CA GLU A 270 0.11 -17.51 7.73
C GLU A 270 -0.93 -18.05 6.79
N TYR A 271 -0.83 -17.73 5.52
CA TYR A 271 -1.81 -18.19 4.54
C TYR A 271 -1.72 -19.69 4.29
N LEU A 272 -0.54 -20.27 4.47
CA LEU A 272 -0.42 -21.69 4.32
C LEU A 272 -0.92 -22.49 5.55
N LYS A 273 -1.47 -21.80 6.54
CA LYS A 273 -2.25 -22.45 7.61
C LYS A 273 -3.74 -22.40 7.32
N MET A 274 -4.16 -21.45 6.48
CA MET A 274 -5.55 -21.44 5.98
C MET A 274 -5.75 -22.65 5.08
N THR A 275 -6.97 -22.88 4.64
CA THR A 275 -7.25 -24.06 3.84
C THR A 275 -7.37 -23.67 2.38
N PRO A 276 -7.44 -24.66 1.49
CA PRO A 276 -7.70 -24.36 0.10
C PRO A 276 -9.07 -23.72 -0.14
N GLU A 277 -10.13 -24.34 0.34
CA GLU A 277 -11.48 -23.79 0.12
C GLU A 277 -11.59 -22.38 0.69
N GLU A 278 -10.82 -22.10 1.73
CA GLU A 278 -10.75 -20.78 2.35
C GLU A 278 -9.99 -19.78 1.46
N LEU A 279 -8.91 -20.23 0.83
CA LEU A 279 -8.11 -19.40 -0.08
C LEU A 279 -8.77 -19.22 -1.43
N HIS A 280 -9.57 -20.18 -1.83
CA HIS A 280 -10.36 -20.04 -3.02
C HIS A 280 -11.30 -18.85 -2.93
N ALA A 281 -11.96 -18.71 -1.79
CA ALA A 281 -12.90 -17.60 -1.55
C ALA A 281 -12.22 -16.25 -1.64
N LEU A 282 -10.90 -16.24 -1.46
CA LEU A 282 -10.14 -15.01 -1.38
C LEU A 282 -9.72 -14.42 -2.74
N ASP A 283 -9.87 -13.11 -2.79
CA ASP A 283 -9.57 -12.35 -3.98
C ASP A 283 -8.09 -12.07 -3.95
N PRO A 284 -7.41 -12.27 -5.08
CA PRO A 284 -6.01 -11.91 -5.14
C PRO A 284 -5.67 -10.48 -4.68
N LYS A 285 -6.59 -9.55 -4.89
CA LYS A 285 -6.33 -8.17 -4.48
C LYS A 285 -6.41 -8.03 -2.96
N ASN A 286 -6.89 -9.05 -2.26
CA ASN A 286 -6.93 -9.00 -0.80
C ASN A 286 -5.87 -9.83 -0.14
N ILE A 287 -4.96 -10.42 -0.94
CA ILE A 287 -3.91 -11.26 -0.38
C ILE A 287 -2.69 -10.42 -0.04
N GLN A 288 -2.52 -10.18 1.24
CA GLN A 288 -1.54 -9.24 1.74
C GLN A 288 -0.12 -9.60 1.37
N GLY A 289 0.71 -8.57 1.27
CA GLY A 289 2.15 -8.72 1.01
C GLY A 289 2.43 -9.52 -0.25
N TYR A 290 3.55 -10.23 -0.25
CA TYR A 290 3.97 -10.98 -1.43
C TYR A 290 3.31 -12.34 -1.61
N ALA A 291 2.44 -12.72 -0.70
CA ALA A 291 1.78 -14.02 -0.81
C ALA A 291 1.02 -14.23 -2.12
N ARG A 292 0.43 -13.16 -2.67
CA ARG A 292 -0.30 -13.23 -3.93
C ARG A 292 0.46 -14.03 -4.99
N ARG A 293 1.77 -13.83 -5.08
CA ARG A 293 2.57 -14.34 -6.17
C ARG A 293 2.94 -15.77 -5.98
N LEU A 294 3.07 -16.15 -4.74
CA LEU A 294 3.35 -17.52 -4.38
C LEU A 294 2.15 -18.41 -4.69
N LEU A 295 0.98 -17.94 -4.30
CA LEU A 295 -0.24 -18.74 -4.41
C LEU A 295 -0.79 -18.70 -5.80
N CYS A 296 -0.48 -17.63 -6.53
CA CYS A 296 -0.95 -17.50 -7.89
C CYS A 296 0.07 -17.79 -8.98
N ASP A 297 1.34 -17.57 -8.73
CA ASP A 297 2.31 -17.64 -9.81
C ASP A 297 3.35 -18.71 -9.63
N ALA A 298 3.00 -19.76 -8.89
CA ALA A 298 3.91 -20.87 -8.67
C ALA A 298 4.24 -21.53 -10.00
N TYR A 299 5.54 -21.72 -10.25
CA TYR A 299 6.02 -22.46 -11.43
C TYR A 299 6.66 -23.77 -10.98
N MET A 300 7.68 -23.69 -10.14
CA MET A 300 8.31 -24.87 -9.57
C MET A 300 8.19 -24.84 -8.06
N CYS A 301 7.80 -25.97 -7.49
CA CYS A 301 7.88 -26.17 -6.06
C CYS A 301 9.04 -27.09 -5.83
N MET A 302 9.81 -26.84 -4.78
CA MET A 302 11.02 -27.59 -4.51
C MET A 302 11.04 -28.17 -3.11
N TYR A 303 11.18 -29.49 -3.06
CA TYR A 303 11.16 -30.24 -1.83
C TYR A 303 12.48 -30.94 -1.61
N GLN A 304 12.80 -31.17 -0.34
CA GLN A 304 14.01 -31.88 0.09
C GLN A 304 13.64 -32.89 1.20
N SER A 305 14.53 -33.83 1.48
CA SER A 305 14.40 -34.71 2.65
C SER A 305 14.58 -33.86 3.91
N PRO A 306 13.75 -34.07 4.95
CA PRO A 306 13.65 -32.98 5.92
C PRO A 306 14.88 -32.70 6.71
N THR A 307 15.06 -31.44 7.06
CA THR A 307 16.14 -30.98 7.90
C THR A 307 15.63 -29.97 8.91
N MET A 308 14.89 -28.99 8.39
CA MET A 308 14.30 -27.95 9.20
C MET A 308 13.24 -28.54 10.11
N SER A 309 12.48 -29.47 9.55
CA SER A 309 11.35 -30.03 10.23
C SER A 309 11.76 -30.54 11.59
N LEU A 310 10.91 -30.33 12.57
CA LEU A 310 11.01 -31.04 13.83
C LEU A 310 9.83 -31.97 13.91
N TYR A 311 10.06 -33.18 14.40
CA TYR A 311 8.99 -34.05 14.88
C TYR A 311 8.29 -34.74 13.73
N MET B 1 2.85 -45.10 -35.83
CA MET B 1 2.09 -44.98 -37.12
C MET B 1 0.92 -43.99 -37.10
N GLN B 2 0.05 -44.08 -36.09
CA GLN B 2 -0.75 -42.93 -35.62
C GLN B 2 -0.77 -42.84 -34.10
N ILE B 3 -0.44 -41.66 -33.57
CA ILE B 3 -0.35 -41.44 -32.11
C ILE B 3 -1.00 -40.15 -31.68
N PHE B 4 -1.25 -40.05 -30.39
CA PHE B 4 -1.99 -38.93 -29.82
C PHE B 4 -1.08 -38.05 -28.98
N VAL B 5 -1.29 -36.75 -29.06
CA VAL B 5 -0.55 -35.80 -28.25
C VAL B 5 -1.53 -34.92 -27.51
N LYS B 6 -1.42 -34.90 -26.20
CA LYS B 6 -2.35 -34.11 -25.38
C LYS B 6 -1.68 -32.88 -24.78
N THR B 7 -2.40 -31.77 -24.82
CA THR B 7 -1.97 -30.58 -24.15
C THR B 7 -2.60 -30.64 -22.76
N LEU B 8 -2.18 -29.73 -21.89
CA LEU B 8 -2.76 -29.61 -20.55
C LEU B 8 -4.22 -29.16 -20.59
N THR B 9 -4.54 -28.29 -21.55
CA THR B 9 -5.88 -27.75 -21.70
C THR B 9 -6.95 -28.85 -21.86
N GLY B 10 -6.52 -30.01 -22.36
CA GLY B 10 -7.39 -31.17 -22.56
C GLY B 10 -7.33 -31.63 -24.00
N LYS B 11 -7.03 -30.69 -24.88
CA LYS B 11 -7.01 -30.90 -26.33
C LYS B 11 -6.13 -32.06 -26.77
N THR B 12 -6.68 -32.96 -27.57
CA THR B 12 -5.91 -34.04 -28.19
C THR B 12 -5.60 -33.64 -29.61
N ILE B 13 -4.47 -34.10 -30.11
CA ILE B 13 -4.12 -33.90 -31.52
C ILE B 13 -3.44 -35.18 -31.98
N THR B 14 -3.74 -35.58 -33.21
CA THR B 14 -3.28 -36.84 -33.73
C THR B 14 -2.19 -36.63 -34.77
N LEU B 15 -1.29 -37.59 -34.90
CA LEU B 15 -0.14 -37.47 -35.79
C LEU B 15 0.13 -38.75 -36.54
N GLU B 16 0.38 -38.64 -37.85
CA GLU B 16 0.80 -39.79 -38.65
C GLU B 16 2.30 -39.73 -38.74
N VAL B 17 2.95 -40.68 -38.09
CA VAL B 17 4.40 -40.65 -37.91
C VAL B 17 5.01 -42.03 -38.12
N GLU B 18 6.33 -42.07 -38.24
CA GLU B 18 7.05 -43.33 -38.37
C GLU B 18 7.93 -43.52 -37.13
N PRO B 19 8.08 -44.77 -36.66
CA PRO B 19 9.00 -45.01 -35.55
C PRO B 19 10.38 -44.38 -35.79
N SER B 20 10.78 -44.33 -37.05
CA SER B 20 12.08 -43.74 -37.43
C SER B 20 12.19 -42.24 -37.14
N ASP B 21 11.07 -41.53 -37.06
CA ASP B 21 11.10 -40.06 -36.95
C ASP B 21 11.80 -39.61 -35.67
N THR B 22 12.39 -38.42 -35.73
CA THR B 22 13.01 -37.80 -34.57
C THR B 22 12.05 -36.81 -33.91
N ILE B 23 12.34 -36.45 -32.68
CA ILE B 23 11.45 -35.61 -31.90
C ILE B 23 11.38 -34.22 -32.54
N GLU B 24 12.44 -33.79 -33.20
CA GLU B 24 12.40 -32.54 -33.97
C GLU B 24 11.40 -32.65 -35.11
N ASN B 25 11.54 -33.72 -35.91
CA ASN B 25 10.59 -34.03 -36.99
C ASN B 25 9.15 -33.98 -36.53
N VAL B 26 8.93 -34.40 -35.28
CA VAL B 26 7.59 -34.46 -34.69
C VAL B 26 7.07 -33.09 -34.24
N LYS B 27 7.90 -32.33 -33.54
CA LYS B 27 7.57 -30.96 -33.14
C LYS B 27 7.32 -30.07 -34.35
N ALA B 28 7.97 -30.41 -35.46
CA ALA B 28 7.69 -29.76 -36.75
C ALA B 28 6.23 -29.93 -37.13
N LYS B 29 5.72 -31.15 -36.95
CA LYS B 29 4.33 -31.47 -37.29
C LYS B 29 3.38 -30.83 -36.31
N ILE B 30 3.76 -30.86 -35.03
CA ILE B 30 2.94 -30.26 -34.00
C ILE B 30 2.79 -28.78 -34.28
N GLN B 31 3.91 -28.14 -34.57
CA GLN B 31 3.92 -26.71 -34.84
C GLN B 31 2.93 -26.34 -35.92
N ASP B 32 2.88 -27.14 -36.98
CA ASP B 32 2.03 -26.87 -38.11
C ASP B 32 0.54 -26.95 -37.79
N LYS B 33 0.18 -27.90 -36.94
CA LYS B 33 -1.20 -27.99 -36.48
C LYS B 33 -1.57 -26.94 -35.43
N GLU B 34 -0.61 -26.50 -34.62
CA GLU B 34 -0.91 -25.63 -33.47
C GLU B 34 -0.13 -24.33 -33.35
N GLY B 35 0.72 -24.05 -34.33
CA GLY B 35 1.47 -22.80 -34.36
C GLY B 35 2.29 -22.53 -33.12
N ILE B 36 3.12 -23.50 -32.74
CA ILE B 36 4.01 -23.38 -31.60
C ILE B 36 5.43 -23.76 -32.03
N PRO B 37 6.36 -22.81 -31.91
CA PRO B 37 7.76 -23.11 -32.21
C PRO B 37 8.29 -24.28 -31.39
N PRO B 38 8.94 -25.23 -32.05
CA PRO B 38 9.61 -26.34 -31.36
C PRO B 38 10.53 -25.92 -30.21
N ASP B 39 11.01 -24.68 -30.25
CA ASP B 39 11.74 -24.09 -29.12
C ASP B 39 10.97 -24.26 -27.84
N GLN B 40 9.69 -23.94 -27.91
CA GLN B 40 8.82 -23.93 -26.74
C GLN B 40 8.28 -25.29 -26.37
N GLN B 41 8.21 -26.20 -27.33
CA GLN B 41 7.56 -27.48 -27.10
C GLN B 41 8.40 -28.37 -26.20
N ARG B 42 7.72 -29.06 -25.30
CA ARG B 42 8.35 -30.00 -24.38
C ARG B 42 7.51 -31.28 -24.39
N LEU B 43 8.00 -32.32 -25.04
CA LEU B 43 7.24 -33.56 -25.16
C LEU B 43 7.56 -34.54 -24.07
N ILE B 44 6.56 -35.30 -23.63
CA ILE B 44 6.74 -36.24 -22.54
C ILE B 44 6.08 -37.57 -22.83
N PHE B 45 6.79 -38.65 -22.52
CA PHE B 45 6.25 -39.99 -22.64
C PHE B 45 6.65 -40.78 -21.42
N ALA B 46 5.68 -41.47 -20.81
CA ALA B 46 5.94 -42.24 -19.59
C ALA B 46 6.62 -41.40 -18.50
N GLY B 47 6.20 -40.15 -18.39
CA GLY B 47 6.76 -39.21 -17.42
C GLY B 47 8.16 -38.67 -17.76
N LYS B 48 8.65 -38.96 -18.96
CA LYS B 48 10.02 -38.63 -19.38
C LYS B 48 10.05 -37.57 -20.47
N GLN B 49 10.89 -36.54 -20.28
CA GLN B 49 11.11 -35.50 -21.29
C GLN B 49 11.91 -36.08 -22.47
N LEU B 50 11.50 -35.77 -23.68
CA LEU B 50 12.10 -36.40 -24.84
C LEU B 50 13.10 -35.48 -25.49
N GLU B 51 14.30 -35.99 -25.72
CA GLU B 51 15.37 -35.23 -26.36
C GLU B 51 15.15 -35.14 -27.87
N ASP B 52 15.59 -34.03 -28.44
CA ASP B 52 15.36 -33.71 -29.85
C ASP B 52 16.06 -34.66 -30.81
N GLY B 53 17.22 -35.17 -30.39
CA GLY B 53 18.03 -36.06 -31.22
C GLY B 53 17.47 -37.46 -31.40
N ARG B 54 16.91 -38.02 -30.34
CA ARG B 54 16.43 -39.41 -30.34
C ARG B 54 15.17 -39.63 -31.22
N THR B 55 14.87 -40.91 -31.49
CA THR B 55 13.68 -41.29 -32.29
C THR B 55 12.61 -41.91 -31.39
N LEU B 56 11.45 -42.17 -31.97
CA LEU B 56 10.31 -42.70 -31.22
C LEU B 56 10.51 -44.17 -30.87
N SER B 57 11.06 -44.93 -31.81
CA SER B 57 11.40 -46.32 -31.58
C SER B 57 12.31 -46.43 -30.36
N ASP B 58 13.21 -45.45 -30.21
CA ASP B 58 14.18 -45.43 -29.11
C ASP B 58 13.54 -45.23 -27.74
N TYR B 59 12.51 -44.40 -27.68
CA TYR B 59 11.74 -44.22 -26.44
C TYR B 59 10.65 -45.31 -26.27
N ASN B 60 10.70 -46.33 -27.12
CA ASN B 60 9.71 -47.42 -27.13
C ASN B 60 8.26 -46.93 -27.20
N ILE B 61 8.03 -45.96 -28.09
CA ILE B 61 6.69 -45.45 -28.36
C ILE B 61 6.09 -46.29 -29.47
N GLN B 62 4.93 -46.89 -29.21
CA GLN B 62 4.24 -47.70 -30.21
C GLN B 62 3.16 -46.86 -30.84
N ARG B 63 2.52 -47.40 -31.89
CA ARG B 63 1.34 -46.75 -32.47
C ARG B 63 0.23 -46.71 -31.41
N GLU B 64 -0.53 -45.63 -31.41
CA GLU B 64 -1.61 -45.39 -30.45
C GLU B 64 -1.14 -44.95 -29.06
N SER B 65 0.16 -44.69 -28.90
CA SER B 65 0.69 -44.15 -27.65
C SER B 65 0.19 -42.72 -27.45
N THR B 66 0.28 -42.23 -26.22
CA THR B 66 -0.14 -40.88 -25.90
C THR B 66 1.05 -40.09 -25.35
N LEU B 67 1.37 -38.99 -26.00
CA LEU B 67 2.39 -38.07 -25.50
C LEU B 67 1.73 -36.84 -24.93
N HIS B 68 2.38 -36.23 -23.94
CA HIS B 68 1.94 -34.94 -23.41
C HIS B 68 2.79 -33.84 -23.98
N LEU B 69 2.15 -32.71 -24.26
CA LEU B 69 2.84 -31.53 -24.74
C LEU B 69 2.70 -30.44 -23.71
N VAL B 70 3.80 -29.71 -23.52
CA VAL B 70 3.90 -28.64 -22.54
C VAL B 70 4.85 -27.58 -23.07
N LEU B 71 4.58 -26.31 -22.74
CA LEU B 71 5.42 -25.22 -23.20
C LEU B 71 6.50 -24.80 -22.18
N ARG B 72 7.52 -24.11 -22.69
CA ARG B 72 8.51 -23.45 -21.85
C ARG B 72 7.93 -22.19 -21.27
N LEU B 73 8.65 -21.64 -20.30
CA LEU B 73 8.30 -20.38 -19.71
C LEU B 73 9.54 -19.47 -19.66
N ARG B 74 10.00 -19.10 -20.86
CA ARG B 74 11.09 -18.15 -20.97
C ARG B 74 10.79 -16.89 -20.17
N GLY B 75 11.77 -16.46 -19.38
CA GLY B 75 11.68 -15.21 -18.64
C GLY B 75 13.06 -14.68 -18.30
N GLY B 76 13.08 -13.61 -17.52
CA GLY B 76 14.33 -12.93 -17.16
C GLY B 76 14.13 -11.44 -17.01
N MET C 1 7.93 -9.03 -19.65
CA MET C 1 9.29 -8.42 -19.63
C MET C 1 9.24 -7.27 -18.64
N GLN C 2 9.91 -7.43 -17.53
CA GLN C 2 9.79 -6.50 -16.42
C GLN C 2 10.49 -5.14 -16.62
N ILE C 3 9.78 -4.03 -16.35
CA ILE C 3 10.31 -2.67 -16.53
C ILE C 3 10.00 -1.79 -15.33
N PHE C 4 10.73 -0.67 -15.25
CA PHE C 4 10.66 0.21 -14.09
C PHE C 4 10.00 1.51 -14.45
N VAL C 5 9.19 2.03 -13.53
CA VAL C 5 8.55 3.30 -13.71
C VAL C 5 8.88 4.16 -12.54
N LYS C 6 9.45 5.34 -12.80
CA LYS C 6 9.86 6.23 -11.72
C LYS C 6 9.01 7.46 -11.66
N THR C 7 8.67 7.83 -10.45
CA THR C 7 7.99 9.09 -10.23
C THR C 7 9.08 10.10 -9.98
N LEU C 8 8.69 11.36 -9.94
CA LEU C 8 9.62 12.44 -9.62
C LEU C 8 10.14 12.37 -8.20
N THR C 9 9.27 11.94 -7.29
CA THR C 9 9.59 11.85 -5.86
C THR C 9 10.82 10.97 -5.61
N GLY C 10 11.06 10.04 -6.52
CA GLY C 10 12.19 9.09 -6.43
C GLY C 10 11.71 7.64 -6.47
N LYS C 11 10.46 7.44 -6.06
CA LYS C 11 9.82 6.13 -5.96
C LYS C 11 9.87 5.34 -7.26
N THR C 12 10.35 4.11 -7.19
CA THR C 12 10.33 3.20 -8.33
C THR C 12 9.16 2.27 -8.16
N ILE C 13 8.59 1.84 -9.28
CA ILE C 13 7.55 0.81 -9.28
C ILE C 13 7.80 -0.09 -10.49
N THR C 14 7.62 -1.38 -10.29
CA THR C 14 7.98 -2.35 -11.30
C THR C 14 6.71 -2.91 -11.91
N LEU C 15 6.80 -3.34 -13.17
CA LEU C 15 5.67 -3.84 -13.91
C LEU C 15 6.01 -5.07 -14.73
N GLU C 16 5.16 -6.09 -14.68
CA GLU C 16 5.30 -7.27 -15.56
C GLU C 16 4.40 -7.07 -16.76
N VAL C 17 5.01 -6.84 -17.91
CA VAL C 17 4.29 -6.40 -19.10
C VAL C 17 4.78 -7.11 -20.34
N GLU C 18 4.04 -6.99 -21.43
CA GLU C 18 4.41 -7.58 -22.71
C GLU C 18 4.67 -6.47 -23.71
N PRO C 19 5.64 -6.65 -24.62
CA PRO C 19 5.86 -5.66 -25.67
C PRO C 19 4.57 -5.31 -26.38
N SER C 20 3.68 -6.28 -26.49
CA SER C 20 2.38 -6.07 -27.15
C SER C 20 1.47 -5.05 -26.44
N ASP C 21 1.66 -4.84 -25.14
CA ASP C 21 0.71 -4.04 -24.35
C ASP C 21 0.66 -2.61 -24.83
N THR C 22 -0.49 -1.98 -24.64
CA THR C 22 -0.68 -0.57 -24.97
C THR C 22 -0.51 0.29 -23.73
N ILE C 23 -0.30 1.57 -23.96
CA ILE C 23 0.03 2.47 -22.87
C ILE C 23 -1.16 2.59 -21.95
N GLU C 24 -2.37 2.43 -22.50
CA GLU C 24 -3.56 2.38 -21.63
C GLU C 24 -3.49 1.16 -20.70
N ASN C 25 -3.25 -0.01 -21.29
CA ASN C 25 -3.10 -1.26 -20.55
C ASN C 25 -2.11 -1.09 -19.42
N VAL C 26 -1.10 -0.28 -19.65
CA VAL C 26 -0.04 -0.07 -18.68
C VAL C 26 -0.47 0.89 -17.56
N LYS C 27 -1.09 2.01 -17.94
CA LYS C 27 -1.60 2.98 -16.96
C LYS C 27 -2.66 2.33 -16.08
N ALA C 28 -3.34 1.33 -16.63
CA ALA C 28 -4.27 0.52 -15.86
C ALA C 28 -3.55 -0.17 -14.71
N LYS C 29 -2.37 -0.71 -14.98
CA LYS C 29 -1.57 -1.40 -13.98
C LYS C 29 -0.98 -0.41 -12.99
N ILE C 30 -0.54 0.73 -13.51
CA ILE C 30 0.03 1.76 -12.66
C ILE C 30 -1.03 2.23 -11.67
N GLN C 31 -2.22 2.52 -12.18
CA GLN C 31 -3.31 3.01 -11.38
C GLN C 31 -3.56 2.10 -10.20
N ASP C 32 -3.53 0.79 -10.46
CA ASP C 32 -3.82 -0.21 -9.43
C ASP C 32 -2.80 -0.21 -8.31
N LYS C 33 -1.54 -0.02 -8.64
CA LYS C 33 -0.50 0.06 -7.63
C LYS C 33 -0.47 1.42 -6.90
N GLU C 34 -0.87 2.50 -7.58
CA GLU C 34 -0.72 3.87 -7.03
C GLU C 34 -1.96 4.74 -6.98
N GLY C 35 -3.10 4.20 -7.38
CA GLY C 35 -4.37 4.91 -7.27
C GLY C 35 -4.39 6.24 -7.97
N ILE C 36 -4.00 6.23 -9.25
CA ILE C 36 -3.99 7.42 -10.08
C ILE C 36 -4.71 7.15 -11.39
N PRO C 37 -5.80 7.90 -11.67
CA PRO C 37 -6.53 7.74 -12.92
C PRO C 37 -5.63 7.96 -14.14
N PRO C 38 -5.71 7.05 -15.13
CA PRO C 38 -4.93 7.17 -16.36
C PRO C 38 -5.12 8.51 -17.05
N ASP C 39 -6.24 9.18 -16.76
CA ASP C 39 -6.46 10.58 -17.18
C ASP C 39 -5.28 11.45 -16.82
N GLN C 40 -4.84 11.32 -15.58
CA GLN C 40 -3.79 12.17 -15.03
C GLN C 40 -2.39 11.70 -15.38
N GLN C 41 -2.23 10.41 -15.67
CA GLN C 41 -0.91 9.85 -15.90
C GLN C 41 -0.31 10.34 -17.22
N ARG C 42 0.99 10.63 -17.17
CA ARG C 42 1.73 11.04 -18.33
C ARG C 42 3.03 10.25 -18.30
N LEU C 43 3.12 9.27 -19.18
CA LEU C 43 4.33 8.44 -19.26
C LEU C 43 5.35 8.95 -20.27
N ILE C 44 6.62 8.77 -19.94
CA ILE C 44 7.70 9.29 -20.76
C ILE C 44 8.80 8.29 -20.91
N PHE C 45 9.28 8.15 -22.15
CA PHE C 45 10.43 7.31 -22.44
C PHE C 45 11.35 8.02 -23.40
N ALA C 46 12.64 8.03 -23.09
CA ALA C 46 13.62 8.76 -23.90
C ALA C 46 13.19 10.23 -24.14
N GLY C 47 12.65 10.85 -23.10
CA GLY C 47 12.20 12.24 -23.18
C GLY C 47 10.90 12.47 -23.94
N LYS C 48 10.26 11.38 -24.34
CA LYS C 48 9.09 11.42 -25.23
C LYS C 48 7.81 11.03 -24.52
N GLN C 49 6.76 11.83 -24.70
CA GLN C 49 5.44 11.53 -24.13
C GLN C 49 4.80 10.39 -24.93
N LEU C 50 4.21 9.43 -24.23
CA LEU C 50 3.73 8.22 -24.90
C LEU C 50 2.24 8.29 -25.09
N GLU C 51 1.80 8.05 -26.33
CA GLU C 51 0.39 8.08 -26.66
C GLU C 51 -0.29 6.81 -26.21
N ASP C 52 -1.57 6.94 -25.86
CA ASP C 52 -2.36 5.85 -25.28
C ASP C 52 -2.58 4.71 -26.25
N GLY C 53 -2.68 5.03 -27.54
CA GLY C 53 -2.95 4.02 -28.58
C GLY C 53 -1.80 3.07 -28.88
N ARG C 54 -0.58 3.60 -28.90
CA ARG C 54 0.62 2.83 -29.28
C ARG C 54 1.03 1.76 -28.25
N THR C 55 1.91 0.85 -28.67
CA THR C 55 2.41 -0.22 -27.80
C THR C 55 3.86 0.04 -27.43
N LEU C 56 4.40 -0.79 -26.55
CA LEU C 56 5.75 -0.61 -26.02
C LEU C 56 6.79 -0.97 -27.06
N SER C 57 6.52 -2.05 -27.79
CA SER C 57 7.39 -2.48 -28.89
C SER C 57 7.58 -1.32 -29.88
N ASP C 58 6.50 -0.57 -30.08
CA ASP C 58 6.50 0.56 -31.01
C ASP C 58 7.41 1.70 -30.57
N TYR C 59 7.45 1.98 -29.26
CA TYR C 59 8.37 2.99 -28.71
C TYR C 59 9.77 2.42 -28.46
N ASN C 60 10.01 1.21 -28.95
CA ASN C 60 11.28 0.51 -28.75
C ASN C 60 11.70 0.46 -27.28
N ILE C 61 10.75 0.13 -26.44
CA ILE C 61 11.01 -0.12 -25.03
C ILE C 61 11.37 -1.60 -24.87
N GLN C 62 12.56 -1.87 -24.30
CA GLN C 62 12.99 -3.23 -24.04
C GLN C 62 12.71 -3.54 -22.57
N LYS C 63 12.93 -4.80 -22.21
CA LYS C 63 12.87 -5.20 -20.81
C LYS C 63 13.92 -4.46 -20.02
N GLU C 64 13.59 -4.12 -18.77
CA GLU C 64 14.48 -3.38 -17.86
C GLU C 64 14.66 -1.89 -18.25
N SER C 65 13.84 -1.40 -19.19
CA SER C 65 13.82 0.03 -19.49
C SER C 65 13.23 0.79 -18.32
N THR C 66 13.45 2.08 -18.32
CA THR C 66 12.92 2.95 -17.26
C THR C 66 12.01 4.03 -17.84
N LEU C 67 10.77 4.06 -17.40
CA LEU C 67 9.84 5.10 -17.78
C LEU C 67 9.67 6.08 -16.62
N HIS C 68 9.41 7.34 -16.93
CA HIS C 68 9.05 8.31 -15.92
C HIS C 68 7.55 8.52 -15.93
N LEU C 69 7.00 8.72 -14.74
CA LEU C 69 5.58 9.01 -14.60
C LEU C 69 5.44 10.38 -14.00
N VAL C 70 4.45 11.10 -14.53
CA VAL C 70 4.17 12.47 -14.18
C VAL C 70 2.69 12.74 -14.32
N LEU C 71 2.16 13.60 -13.47
CA LEU C 71 0.72 13.91 -13.49
C LEU C 71 0.41 15.10 -14.41
N ARG C 72 -0.76 15.05 -15.06
CA ARG C 72 -1.16 16.07 -16.02
C ARG C 72 -2.59 16.53 -15.76
N MET D 3 -27.12 15.66 -11.37
CA MET D 3 -26.54 15.97 -10.02
C MET D 3 -27.46 15.54 -8.89
N GLY D 4 -26.89 15.32 -7.70
CA GLY D 4 -27.65 14.72 -6.60
C GLY D 4 -26.82 14.24 -5.42
N LEU D 5 -27.34 13.23 -4.70
CA LEU D 5 -26.73 12.77 -3.43
C LEU D 5 -26.12 11.36 -3.50
N GLU D 6 -26.89 10.43 -4.04
CA GLU D 6 -26.39 9.11 -4.38
C GLU D 6 -24.96 9.14 -4.95
N VAL D 7 -24.62 10.19 -5.69
CA VAL D 7 -23.26 10.37 -6.19
C VAL D 7 -22.22 10.52 -5.08
N MET D 8 -22.58 11.28 -4.06
CA MET D 8 -21.65 11.70 -3.01
C MET D 8 -21.27 10.60 -2.04
N VAL D 9 -22.09 9.54 -1.94
CA VAL D 9 -21.94 8.61 -0.83
C VAL D 9 -21.19 7.34 -1.23
N GLY D 10 -20.32 6.87 -0.34
CA GLY D 10 -19.71 5.56 -0.47
C GLY D 10 -18.21 5.65 -0.33
N LYS D 11 -17.54 4.56 -0.63
CA LYS D 11 -16.10 4.47 -0.56
C LYS D 11 -15.54 5.02 -1.84
N LYS D 12 -14.28 5.41 -1.83
CA LYS D 12 -13.70 6.16 -2.94
C LYS D 12 -14.62 7.35 -3.29
N LYS D 13 -14.88 8.17 -2.27
CA LYS D 13 -15.65 9.41 -2.41
C LYS D 13 -15.15 10.47 -1.47
N GLY D 14 -15.27 11.70 -1.93
CA GLY D 14 -14.78 12.83 -1.18
C GLY D 14 -13.37 13.12 -1.59
N ILE D 15 -12.72 13.95 -0.79
CA ILE D 15 -11.35 14.36 -1.06
C ILE D 15 -10.35 13.30 -0.57
N GLN D 16 -9.66 12.66 -1.51
CA GLN D 16 -8.68 11.64 -1.18
C GLN D 16 -7.52 12.30 -0.54
N GLY D 17 -7.21 11.93 0.67
CA GLY D 17 -6.15 12.60 1.37
C GLY D 17 -4.86 11.97 0.98
N HIS D 18 -3.76 12.56 1.43
CA HIS D 18 -2.46 12.00 1.19
C HIS D 18 -1.46 12.90 1.89
N TYR D 19 -0.67 12.29 2.76
CA TYR D 19 0.49 12.95 3.32
C TYR D 19 0.08 14.14 4.15
N ASN D 20 -0.49 13.85 5.32
CA ASN D 20 -0.83 14.87 6.29
C ASN D 20 -1.79 15.92 5.76
N SER D 21 -2.74 15.49 4.93
CA SER D 21 -3.64 16.42 4.28
C SER D 21 -4.91 16.69 5.05
N ALA D 22 -5.30 15.80 5.95
CA ALA D 22 -6.68 15.85 6.50
C ALA D 22 -7.13 17.19 7.05
N TYR D 23 -6.21 17.98 7.63
CA TYR D 23 -6.54 19.36 8.07
C TYR D 23 -7.01 20.27 6.92
N LEU D 24 -6.92 19.74 5.71
CA LEU D 24 -7.28 20.45 4.51
C LEU D 24 -8.44 19.74 3.79
N ASP D 25 -8.28 18.44 3.51
CA ASP D 25 -9.33 17.67 2.84
C ASP D 25 -10.65 17.84 3.56
N SER D 26 -10.59 17.80 4.89
CA SER D 26 -11.81 17.76 5.71
C SER D 26 -12.42 19.13 5.78
N THR D 27 -11.58 20.15 5.85
CA THR D 27 -12.06 21.52 5.91
C THR D 27 -12.77 21.86 4.62
N LEU D 28 -12.09 21.60 3.51
CA LEU D 28 -12.64 21.91 2.22
C LEU D 28 -13.93 21.15 2.06
N PHE D 29 -13.95 19.92 2.50
CA PHE D 29 -15.20 19.20 2.42
C PHE D 29 -16.36 19.83 3.20
N CYS D 30 -16.10 20.36 4.41
CA CYS D 30 -17.13 21.05 5.17
C CYS D 30 -17.71 22.24 4.43
N LEU D 31 -16.83 23.14 4.02
CA LEU D 31 -17.27 24.41 3.46
C LEU D 31 -17.93 24.32 2.08
N PHE D 32 -17.66 23.26 1.33
CA PHE D 32 -18.06 23.26 -0.09
C PHE D 32 -18.90 22.12 -0.60
N SER D 33 -18.70 20.92 -0.08
CA SER D 33 -19.40 19.75 -0.57
C SER D 33 -20.87 19.98 -0.83
N PHE D 34 -21.57 20.49 0.17
CA PHE D 34 -23.03 20.70 0.06
C PHE D 34 -23.42 22.15 0.23
N SER D 35 -22.79 22.85 1.16
CA SER D 35 -23.10 24.25 1.42
C SER D 35 -22.62 25.17 0.34
N SER D 36 -23.17 26.38 0.41
CA SER D 36 -22.87 27.40 -0.56
C SER D 36 -22.68 28.77 0.06
N VAL D 37 -22.54 28.88 1.38
CA VAL D 37 -22.23 30.19 1.96
C VAL D 37 -21.07 30.85 1.28
N LEU D 38 -20.03 30.08 0.97
CA LEU D 38 -18.79 30.68 0.56
C LEU D 38 -18.55 30.59 -0.92
N ASP D 39 -19.58 30.24 -1.67
CA ASP D 39 -19.38 30.05 -3.07
C ASP D 39 -18.91 31.36 -3.72
N THR D 40 -19.44 32.49 -3.30
CA THR D 40 -19.06 33.77 -3.89
C THR D 40 -17.55 33.88 -4.06
N VAL D 41 -16.81 33.55 -3.00
CA VAL D 41 -15.34 33.53 -3.04
C VAL D 41 -14.77 32.94 -4.33
N LEU D 42 -15.28 31.77 -4.70
CA LEU D 42 -14.84 31.07 -5.90
C LEU D 42 -15.22 31.77 -7.20
N LEU D 43 -16.05 32.83 -7.12
CA LEU D 43 -16.63 33.46 -8.31
C LEU D 43 -16.22 34.91 -8.55
N ARG D 44 -16.06 35.68 -7.49
CA ARG D 44 -15.52 37.03 -7.61
C ARG D 44 -14.42 36.99 -8.67
N PRO D 45 -14.53 37.80 -9.72
CA PRO D 45 -13.51 37.72 -10.75
C PRO D 45 -12.31 38.57 -10.35
N ARG D 46 -11.26 38.49 -11.17
CA ARG D 46 -9.97 39.01 -10.78
C ARG D 46 -9.95 40.54 -10.79
N SER D 47 -9.71 41.12 -9.61
CA SER D 47 -9.46 42.55 -9.50
C SER D 47 -7.96 42.83 -9.73
N LYS D 48 -7.65 44.11 -9.87
CA LYS D 48 -6.27 44.61 -9.97
C LYS D 48 -5.54 44.39 -8.65
N THR D 49 -6.29 44.59 -7.56
CA THR D 49 -5.73 44.64 -6.22
C THR D 49 -5.25 43.29 -5.68
N ASP D 50 -5.76 42.20 -6.22
CA ASP D 50 -5.45 40.85 -5.72
C ASP D 50 -4.04 40.43 -6.07
N VAL D 51 -3.63 39.28 -5.53
CA VAL D 51 -2.27 38.79 -5.70
C VAL D 51 -2.11 38.16 -7.07
N GLU D 52 -0.86 37.92 -7.45
CA GLU D 52 -0.52 37.31 -8.72
C GLU D 52 -1.15 35.95 -8.92
N TYR D 53 -1.19 35.15 -7.85
CA TYR D 53 -1.67 33.76 -7.92
C TYR D 53 -3.19 33.63 -7.94
N TYR D 54 -3.87 34.71 -7.58
CA TYR D 54 -5.28 34.65 -7.27
C TYR D 54 -6.14 33.89 -8.31
N LYS D 55 -5.97 34.18 -9.58
CA LYS D 55 -6.81 33.56 -10.57
C LYS D 55 -6.63 32.04 -10.53
N GLU D 56 -5.38 31.59 -10.49
CA GLU D 56 -5.10 30.15 -10.56
C GLU D 56 -5.65 29.42 -9.35
N THR D 57 -5.54 30.05 -8.18
CA THR D 57 -6.11 29.51 -6.96
C THR D 57 -7.59 29.31 -7.17
N GLN D 58 -8.26 30.36 -7.60
CA GLN D 58 -9.68 30.29 -7.78
C GLN D 58 -10.07 29.27 -8.86
N GLU D 59 -9.22 29.05 -9.86
CA GLU D 59 -9.53 28.06 -10.90
C GLU D 59 -9.50 26.65 -10.40
N LEU D 60 -8.44 26.35 -9.68
CA LEU D 60 -8.18 25.02 -9.17
C LEU D 60 -9.29 24.64 -8.21
N LEU D 61 -9.55 25.56 -7.30
CA LEU D 61 -10.62 25.44 -6.34
C LEU D 61 -11.99 25.17 -6.95
N ARG D 62 -12.39 25.98 -7.91
CA ARG D 62 -13.74 25.88 -8.46
C ARG D 62 -13.88 24.64 -9.34
N THR D 63 -12.98 24.51 -10.30
CA THR D 63 -13.17 23.61 -11.41
C THR D 63 -12.46 22.27 -11.28
N GLU D 64 -11.38 22.23 -10.53
CA GLU D 64 -10.65 20.98 -10.33
C GLU D 64 -10.89 20.37 -8.94
N ILE D 65 -11.65 21.08 -8.10
CA ILE D 65 -11.89 20.62 -6.75
C ILE D 65 -13.35 20.70 -6.42
N VAL D 66 -13.90 21.88 -6.29
CA VAL D 66 -15.27 21.97 -5.82
C VAL D 66 -16.17 21.35 -6.87
N ASN D 67 -16.06 21.78 -8.12
CA ASN D 67 -16.95 21.23 -9.16
C ASN D 67 -16.97 19.69 -9.17
N PRO D 68 -15.82 19.06 -9.46
CA PRO D 68 -15.79 17.60 -9.53
C PRO D 68 -16.12 16.90 -8.19
N LEU D 69 -16.06 17.63 -7.09
CA LEU D 69 -16.58 17.14 -5.84
C LEU D 69 -18.09 17.03 -5.93
N ARG D 70 -18.72 18.12 -6.35
CA ARG D 70 -20.17 18.19 -6.37
C ARG D 70 -20.77 17.33 -7.45
N ILE D 71 -20.02 17.08 -8.52
CA ILE D 71 -20.59 16.44 -9.69
C ILE D 71 -20.30 14.95 -9.74
N HIS D 72 -19.05 14.57 -9.46
CA HIS D 72 -18.63 13.17 -9.45
C HIS D 72 -18.56 12.60 -8.05
N GLY D 73 -18.42 13.46 -7.06
CA GLY D 73 -18.39 13.03 -5.66
C GLY D 73 -17.02 12.60 -5.21
N TYR D 74 -16.00 12.93 -6.00
CA TYR D 74 -14.63 12.49 -5.73
C TYR D 74 -13.59 13.52 -6.16
N VAL D 75 -12.50 13.62 -5.41
CA VAL D 75 -11.39 14.46 -5.80
C VAL D 75 -10.04 13.83 -5.50
N CYS D 76 -9.23 13.69 -6.54
CA CYS D 76 -7.90 13.08 -6.44
C CYS D 76 -7.02 13.95 -5.57
N ALA D 77 -6.03 13.35 -4.92
CA ALA D 77 -5.14 14.10 -4.04
C ALA D 77 -4.22 14.94 -4.87
N THR D 78 -3.93 14.46 -6.06
CA THR D 78 -3.22 15.23 -7.07
C THR D 78 -3.51 16.74 -6.96
N LYS D 79 -4.80 17.06 -6.94
CA LYS D 79 -5.29 18.42 -7.01
C LYS D 79 -5.12 19.16 -5.71
N ILE D 80 -5.12 18.42 -4.61
CA ILE D 80 -4.97 19.04 -3.31
C ILE D 80 -3.54 19.49 -3.20
N MET D 81 -2.61 18.63 -3.59
CA MET D 81 -1.23 18.96 -3.45
C MET D 81 -0.93 20.26 -4.18
N LYS D 82 -1.54 20.47 -5.33
CA LYS D 82 -1.37 21.72 -6.05
C LYS D 82 -1.72 22.89 -5.16
N LEU D 83 -2.94 22.90 -4.69
CA LEU D 83 -3.36 23.93 -3.75
C LEU D 83 -2.32 24.20 -2.65
N ARG D 84 -1.82 23.13 -2.06
CA ARG D 84 -0.86 23.21 -1.00
C ARG D 84 0.28 24.04 -1.51
N ARG D 85 0.80 23.68 -2.68
CA ARG D 85 1.96 24.36 -3.25
C ARG D 85 1.78 25.87 -3.23
N ILE D 86 0.63 26.31 -3.71
CA ILE D 86 0.31 27.72 -3.76
C ILE D 86 0.37 28.28 -2.36
N LEU D 87 -0.31 27.62 -1.45
CA LEU D 87 -0.25 28.02 -0.05
C LEU D 87 1.18 28.35 0.34
N GLU D 88 2.13 27.52 -0.08
CA GLU D 88 3.49 27.71 0.34
C GLU D 88 4.12 28.92 -0.33
N LYS D 89 3.65 29.25 -1.53
CA LYS D 89 4.17 30.41 -2.27
C LYS D 89 3.92 31.75 -1.57
N VAL D 90 3.00 31.77 -0.62
CA VAL D 90 2.81 32.91 0.27
C VAL D 90 3.80 32.89 1.40
N GLU D 91 3.81 31.74 2.08
CA GLU D 91 4.66 31.53 3.23
C GLU D 91 5.59 30.34 2.99
N ALA D 92 6.69 30.64 2.31
CA ALA D 92 7.84 29.73 2.26
C ALA D 92 8.30 29.52 3.70
N ALA D 93 8.64 28.27 4.05
CA ALA D 93 8.86 27.82 5.44
C ALA D 93 7.55 27.69 6.26
N SER D 94 6.44 27.44 5.57
CA SER D 94 5.21 27.12 6.24
C SER D 94 5.03 25.61 6.34
N GLY D 95 5.51 24.88 5.34
CA GLY D 95 5.41 23.44 5.35
C GLY D 95 3.99 22.99 5.08
N PHE D 96 3.28 23.75 4.27
CA PHE D 96 1.96 23.31 3.88
C PHE D 96 2.03 22.06 3.03
N THR D 97 3.09 21.94 2.24
CA THR D 97 3.29 20.78 1.39
C THR D 97 3.50 19.46 2.14
N SER D 98 4.06 19.50 3.35
CA SER D 98 4.39 18.27 4.08
C SER D 98 3.88 18.18 5.52
N GLU D 99 4.03 19.29 6.23
CA GLU D 99 3.73 19.31 7.64
C GLU D 99 2.26 19.20 7.94
N GLU D 100 1.99 18.66 9.14
CA GLU D 100 0.68 18.70 9.74
C GLU D 100 0.38 20.13 10.09
N LYS D 101 -0.87 20.53 9.86
CA LYS D 101 -1.31 21.91 10.01
C LYS D 101 -2.63 21.98 10.71
N ASP D 102 -3.01 23.19 11.11
CA ASP D 102 -4.30 23.47 11.74
C ASP D 102 -5.18 24.17 10.70
N PRO D 103 -6.44 23.71 10.54
CA PRO D 103 -7.38 24.38 9.60
C PRO D 103 -7.40 25.90 9.71
N GLU D 104 -7.38 26.42 10.94
CA GLU D 104 -7.18 27.84 11.19
C GLU D 104 -6.02 28.34 10.33
N GLU D 105 -4.87 27.65 10.40
CA GLU D 105 -3.69 28.04 9.63
C GLU D 105 -4.01 28.07 8.17
N PHE D 106 -4.48 26.95 7.67
CA PHE D 106 -4.80 26.84 6.26
C PHE D 106 -5.85 27.86 5.80
N LEU D 107 -6.92 28.01 6.57
CA LEU D 107 -7.97 28.99 6.25
C LEU D 107 -7.50 30.44 6.22
N ASN D 108 -6.79 30.86 7.26
CA ASN D 108 -6.22 32.21 7.30
C ASN D 108 -5.39 32.56 6.11
N ILE D 109 -4.43 31.69 5.80
CA ILE D 109 -3.57 31.90 4.66
C ILE D 109 -4.43 32.07 3.42
N LEU D 110 -5.32 31.12 3.18
CA LEU D 110 -6.07 31.14 1.96
C LEU D 110 -6.95 32.37 1.83
N PHE D 111 -7.81 32.59 2.82
CA PHE D 111 -8.80 33.68 2.77
C PHE D 111 -8.19 35.07 2.81
N HIS D 112 -7.43 35.31 3.86
CA HIS D 112 -6.86 36.61 4.03
C HIS D 112 -5.90 36.87 2.89
N HIS D 113 -4.97 35.96 2.68
CA HIS D 113 -3.83 36.23 1.81
C HIS D 113 -3.99 36.05 0.32
N ILE D 114 -4.91 35.24 -0.15
CA ILE D 114 -4.99 35.04 -1.59
C ILE D 114 -6.27 35.57 -2.17
N LEU D 115 -7.39 35.10 -1.65
CA LEU D 115 -8.67 35.54 -2.13
C LEU D 115 -9.14 36.61 -1.13
N ARG D 116 -8.65 37.84 -1.21
CA ARG D 116 -8.84 38.71 -0.06
C ARG D 116 -10.34 38.68 0.21
N VAL D 117 -10.73 37.94 1.23
CA VAL D 117 -12.12 37.75 1.55
C VAL D 117 -12.45 38.67 2.71
N ASP D 118 -13.50 39.44 2.51
CA ASP D 118 -13.98 40.32 3.54
C ASP D 118 -14.12 39.43 4.76
N PRO D 119 -13.56 39.83 5.92
CA PRO D 119 -13.75 39.09 7.17
C PRO D 119 -15.15 38.52 7.34
N LEU D 120 -15.25 37.27 7.78
CA LEU D 120 -16.54 36.64 7.93
C LEU D 120 -17.21 37.15 9.17
N LEU D 121 -16.44 37.68 10.11
CA LEU D 121 -16.98 38.20 11.37
C LEU D 121 -16.56 39.62 11.64
N ARG D 122 -17.39 40.31 12.42
CA ARG D 122 -17.11 41.63 12.96
C ARG D 122 -17.57 41.63 14.42
N LEU D 123 -16.69 41.98 15.34
CA LEU D 123 -17.04 41.88 16.75
C LEU D 123 -16.57 43.07 17.55
N ARG D 124 -17.45 43.58 18.42
CA ARG D 124 -17.15 44.77 19.20
C ARG D 124 -17.08 44.46 20.66
N SER D 125 -15.86 44.43 21.18
CA SER D 125 -15.68 44.26 22.62
C SER D 125 -15.80 45.56 23.39
N ALA D 126 -16.53 45.49 24.51
CA ALA D 126 -16.57 46.59 25.46
C ALA D 126 -17.07 47.88 24.83
N GLY D 127 -17.80 47.75 23.72
CA GLY D 127 -18.15 48.89 22.87
C GLY D 127 -16.95 49.68 22.34
N GLN D 128 -15.74 49.16 22.46
CA GLN D 128 -14.56 50.00 22.27
C GLN D 128 -14.15 50.15 20.82
N LYS D 129 -13.97 49.05 20.11
CA LYS D 129 -13.63 49.09 18.68
C LYS D 129 -13.94 47.76 18.06
N VAL D 130 -14.22 47.77 16.75
CA VAL D 130 -14.48 46.53 16.08
C VAL D 130 -13.19 45.71 15.95
N GLN D 131 -13.40 44.44 15.68
CA GLN D 131 -12.35 43.55 15.28
C GLN D 131 -12.92 42.61 14.25
N ASP D 132 -12.11 42.27 13.25
CA ASP D 132 -12.52 41.34 12.25
C ASP D 132 -11.70 40.09 12.39
N CYS D 133 -12.32 38.99 12.03
CA CYS D 133 -11.66 37.70 11.96
C CYS D 133 -12.51 36.82 11.09
N TYR D 134 -12.07 35.57 10.94
CA TYR D 134 -12.78 34.57 10.14
C TYR D 134 -13.37 33.44 10.99
N PHE D 135 -13.01 33.38 12.27
CA PHE D 135 -13.60 32.40 13.17
C PHE D 135 -13.45 32.83 14.61
N TYR D 136 -14.39 32.38 15.44
CA TYR D 136 -14.38 32.66 16.85
C TYR D 136 -13.95 31.44 17.62
N GLN D 137 -13.08 31.66 18.59
CA GLN D 137 -12.64 30.61 19.49
C GLN D 137 -13.41 30.78 20.79
N ILE D 138 -14.08 29.71 21.21
CA ILE D 138 -14.76 29.72 22.48
C ILE D 138 -13.72 29.77 23.57
N PHE D 139 -13.92 30.64 24.55
CA PHE D 139 -13.12 30.65 25.76
C PHE D 139 -14.01 31.01 26.95
N MET D 140 -13.91 30.25 28.03
CA MET D 140 -14.54 30.62 29.31
C MET D 140 -14.03 29.70 30.43
N ASP D 141 -14.71 29.74 31.58
CA ASP D 141 -14.34 28.97 32.77
C ASP D 141 -15.42 27.95 33.12
N LYS D 142 -15.02 26.67 33.12
CA LYS D 142 -15.91 25.51 33.18
C LYS D 142 -16.75 25.28 34.45
N LYS D 143 -16.28 25.72 35.61
CA LYS D 143 -16.71 25.06 36.85
C LYS D 143 -18.20 25.21 37.19
N ASP D 144 -18.66 26.45 37.13
CA ASP D 144 -20.05 26.78 37.40
C ASP D 144 -20.90 26.43 36.19
N LYS D 145 -20.69 25.23 35.64
CA LYS D 145 -21.34 24.81 34.40
C LYS D 145 -21.72 23.32 34.40
N VAL D 146 -22.30 22.90 33.27
CA VAL D 146 -22.78 21.53 33.08
C VAL D 146 -21.62 20.63 32.69
N MET D 147 -21.95 19.36 32.47
CA MET D 147 -21.02 18.40 31.89
C MET D 147 -21.03 18.47 30.35
N VAL D 148 -22.21 18.50 29.74
CA VAL D 148 -22.34 18.66 28.28
C VAL D 148 -23.15 19.90 27.98
N PRO D 149 -22.48 20.96 27.50
CA PRO D 149 -23.14 22.18 27.07
C PRO D 149 -23.41 22.14 25.58
N THR D 150 -23.98 23.21 25.07
CA THR D 150 -24.31 23.30 23.66
C THR D 150 -23.42 24.34 23.04
N SER D 151 -23.34 24.36 21.72
CA SER D 151 -22.65 25.45 21.08
C SER D 151 -23.24 26.79 21.55
N GLN D 152 -24.58 26.87 21.60
CA GLN D 152 -25.25 28.09 22.08
C GLN D 152 -24.63 28.59 23.36
N GLN D 153 -24.68 27.76 24.39
CA GLN D 153 -24.23 28.20 25.70
C GLN D 153 -22.78 28.59 25.68
N LEU D 154 -21.97 27.74 25.06
CA LEU D 154 -20.55 28.02 24.92
C LEU D 154 -20.39 29.38 24.33
N LEU D 155 -21.04 29.57 23.19
CA LEU D 155 -20.88 30.82 22.48
C LEU D 155 -21.27 31.99 23.36
N GLU D 156 -22.47 31.91 23.93
CA GLU D 156 -22.94 32.95 24.80
C GLU D 156 -21.93 33.18 25.91
N TRP D 157 -21.67 32.12 26.67
CA TRP D 157 -20.73 32.21 27.76
C TRP D 157 -19.39 32.83 27.28
N SER D 158 -18.91 32.44 26.11
CA SER D 158 -17.67 33.00 25.59
C SER D 158 -17.80 34.48 25.24
N PHE D 159 -18.98 34.87 24.76
CA PHE D 159 -19.24 36.25 24.39
C PHE D 159 -19.32 37.17 25.59
N ILE D 160 -19.88 36.66 26.67
CA ILE D 160 -19.84 37.40 27.92
C ILE D 160 -18.39 37.65 28.34
N ASN D 161 -17.70 36.57 28.72
CA ASN D 161 -16.50 36.58 29.55
C ASN D 161 -15.47 37.62 29.16
N SER D 162 -15.32 37.81 27.87
CA SER D 162 -14.63 38.97 27.35
C SER D 162 -15.72 39.72 26.64
N ASP D 163 -16.21 40.77 27.27
CA ASP D 163 -17.41 41.48 26.81
C ASP D 163 -17.39 41.71 25.31
N LEU D 164 -18.25 41.00 24.57
CA LEU D 164 -18.25 41.04 23.09
C LEU D 164 -19.62 40.98 22.52
N LYS D 165 -19.74 41.45 21.27
CA LYS D 165 -20.97 41.33 20.50
C LYS D 165 -20.64 41.45 19.02
N PHE D 166 -21.53 40.93 18.18
CA PHE D 166 -21.37 41.09 16.74
C PHE D 166 -21.74 42.50 16.36
N ALA D 167 -20.88 43.15 15.59
CA ALA D 167 -21.25 44.41 14.96
C ALA D 167 -22.50 44.18 14.10
N GLU D 168 -22.39 43.24 13.17
CA GLU D 168 -23.48 42.92 12.28
C GLU D 168 -23.67 41.41 12.14
N ALA D 169 -24.86 41.01 11.70
CA ALA D 169 -25.14 39.62 11.44
C ALA D 169 -24.08 39.06 10.49
N PRO D 170 -23.43 37.97 10.89
CA PRO D 170 -22.57 37.27 9.94
C PRO D 170 -23.35 36.38 9.00
N SER D 171 -22.78 36.11 7.82
CA SER D 171 -23.38 35.19 6.85
C SER D 171 -22.95 33.78 7.15
N CYS D 172 -21.85 33.65 7.89
CA CYS D 172 -21.14 32.39 8.00
C CYS D 172 -20.23 32.34 9.22
N LEU D 173 -20.59 31.50 10.19
CA LEU D 173 -19.97 31.56 11.52
C LEU D 173 -19.25 30.27 11.90
N ILE D 174 -17.93 30.32 12.01
CA ILE D 174 -17.12 29.16 12.38
C ILE D 174 -16.56 29.24 13.83
N ILE D 175 -16.96 28.27 14.64
CA ILE D 175 -16.69 28.29 16.05
C ILE D 175 -15.72 27.18 16.43
N GLN D 176 -14.68 27.52 17.17
CA GLN D 176 -13.71 26.52 17.58
C GLN D 176 -14.04 26.12 19.00
N MET D 177 -14.02 24.82 19.27
CA MET D 177 -14.35 24.33 20.61
C MET D 177 -13.28 24.66 21.65
N PRO D 178 -13.68 24.66 22.94
CA PRO D 178 -12.75 24.95 24.02
C PRO D 178 -11.80 23.77 24.31
N ARG D 179 -10.63 23.81 23.66
CA ARG D 179 -9.68 22.69 23.66
C ARG D 179 -8.23 23.16 23.80
N PHE D 180 -7.57 22.69 24.85
CA PHE D 180 -6.20 23.06 25.08
C PHE D 180 -5.33 21.95 24.54
N GLY D 181 -5.12 21.99 23.22
CA GLY D 181 -4.30 21.03 22.51
C GLY D 181 -4.86 19.61 22.50
N LYS D 182 -4.00 18.66 22.15
CA LYS D 182 -4.34 17.24 22.15
C LYS D 182 -4.84 16.74 23.50
N ASP D 183 -4.26 17.26 24.57
CA ASP D 183 -4.40 16.64 25.87
C ASP D 183 -5.51 17.20 26.76
N PHE D 184 -6.37 18.04 26.21
CA PHE D 184 -7.37 18.70 27.05
C PHE D 184 -8.60 19.11 26.28
N LYS D 185 -9.70 18.40 26.56
CA LYS D 185 -11.01 18.85 26.18
C LYS D 185 -11.50 19.51 27.41
N MET D 186 -12.36 20.51 27.27
CA MET D 186 -13.01 21.09 28.43
C MET D 186 -14.19 20.21 28.79
N PHE D 187 -14.79 19.59 27.77
CA PHE D 187 -15.90 18.68 27.96
C PHE D 187 -15.71 17.42 27.13
N ASN D 188 -16.08 16.30 27.70
CA ASN D 188 -16.05 15.04 26.98
C ASN D 188 -17.01 15.10 25.81
N LYS D 189 -18.17 15.69 26.07
CA LYS D 189 -19.23 15.80 25.06
C LYS D 189 -19.75 17.21 24.96
N ILE D 190 -20.01 17.63 23.75
CA ILE D 190 -20.60 18.92 23.49
C ILE D 190 -21.78 18.70 22.55
N PHE D 191 -22.92 19.28 22.90
CA PHE D 191 -24.09 19.20 22.06
C PHE D 191 -24.01 20.34 21.05
N PRO D 192 -23.75 20.01 19.79
CA PRO D 192 -23.78 21.06 18.82
C PRO D 192 -25.23 21.52 18.52
N SER D 193 -25.53 22.77 18.87
CA SER D 193 -26.83 23.37 18.60
C SER D 193 -27.08 23.29 17.13
N LEU D 194 -28.20 22.67 16.78
CA LEU D 194 -28.58 22.59 15.38
C LEU D 194 -28.87 23.97 14.77
N GLU D 195 -29.50 24.82 15.56
CA GLU D 195 -29.77 26.19 15.17
C GLU D 195 -29.29 27.11 16.29
N LEU D 196 -29.00 28.34 15.90
CA LEU D 196 -28.28 29.28 16.75
C LEU D 196 -28.97 30.65 16.66
N ASP D 197 -29.44 31.15 17.82
CA ASP D 197 -30.07 32.44 17.92
C ASP D 197 -29.04 33.44 18.40
N ILE D 198 -28.71 34.44 17.59
CA ILE D 198 -27.71 35.40 18.02
C ILE D 198 -28.32 36.75 18.32
N THR D 199 -29.63 36.80 18.54
CA THR D 199 -30.30 38.08 18.69
C THR D 199 -29.70 38.82 19.90
N ASP D 200 -29.51 38.11 21.00
CA ASP D 200 -28.90 38.72 22.17
C ASP D 200 -27.51 39.27 21.95
N LEU D 201 -26.82 38.84 20.89
CA LEU D 201 -25.38 39.04 20.76
C LEU D 201 -24.94 40.05 19.70
N LEU D 202 -25.87 40.89 19.26
CA LEU D 202 -25.55 42.01 18.38
C LEU D 202 -26.31 43.23 18.85
N ASP D 203 -25.91 44.43 18.40
CA ASP D 203 -26.56 45.67 18.83
C ASP D 203 -28.00 45.82 18.30
N GLN D 213 -31.35 37.40 13.08
CA GLN D 213 -31.82 36.65 14.24
C GLN D 213 -31.27 35.20 14.36
N GLN D 214 -31.30 34.44 13.28
CA GLN D 214 -31.12 32.98 13.33
C GLN D 214 -30.01 32.43 12.42
N MET D 215 -29.33 31.38 12.88
CA MET D 215 -28.22 30.75 12.15
C MET D 215 -28.27 29.23 12.25
N GLU D 216 -27.95 28.53 11.15
CA GLU D 216 -28.09 27.05 11.11
C GLU D 216 -26.80 26.26 10.84
N LEU D 217 -26.69 25.12 11.53
CA LEU D 217 -25.48 24.34 11.59
C LEU D 217 -25.39 23.51 10.34
N PHE D 218 -24.30 23.66 9.61
CA PHE D 218 -24.16 22.98 8.33
C PHE D 218 -22.97 22.06 8.21
N ALA D 219 -22.11 22.03 9.22
CA ALA D 219 -21.05 21.02 9.29
C ALA D 219 -20.31 21.11 10.61
N VAL D 220 -19.69 20.00 10.98
CA VAL D 220 -18.85 19.94 12.15
C VAL D 220 -17.57 19.28 11.76
N LEU D 221 -16.48 19.83 12.24
CA LEU D 221 -15.18 19.33 11.91
C LEU D 221 -14.61 18.64 13.12
N CYS D 222 -14.18 17.40 12.98
CA CYS D 222 -13.74 16.63 14.15
C CYS D 222 -12.30 16.21 14.15
N ILE D 223 -11.82 15.92 15.35
CA ILE D 223 -10.49 15.41 15.52
C ILE D 223 -10.38 14.85 16.93
N GLU D 224 -10.13 13.56 17.08
CA GLU D 224 -10.01 12.97 18.42
C GLU D 224 -8.73 13.43 19.11
N THR D 225 -7.58 13.19 18.44
CA THR D 225 -6.29 13.77 18.83
C THR D 225 -5.45 14.26 17.64
N SER D 226 -5.44 13.50 16.55
CA SER D 226 -4.50 13.80 15.48
C SER D 226 -4.97 13.56 14.06
N HIS D 227 -6.23 13.20 13.86
CA HIS D 227 -6.72 12.98 12.49
C HIS D 227 -8.05 13.65 12.27
N TYR D 228 -8.13 14.41 11.19
CA TYR D 228 -9.31 15.21 10.90
C TYR D 228 -10.33 14.47 10.03
N VAL D 229 -11.58 14.57 10.46
CA VAL D 229 -12.67 13.98 9.72
C VAL D 229 -13.81 14.93 9.88
N ALA D 230 -14.86 14.76 9.07
CA ALA D 230 -15.87 15.81 8.95
C ALA D 230 -17.24 15.24 8.84
N PHE D 231 -18.19 15.98 9.40
CA PHE D 231 -19.62 15.69 9.31
C PHE D 231 -20.30 16.83 8.63
N VAL D 232 -21.28 16.48 7.83
CA VAL D 232 -21.93 17.46 7.01
C VAL D 232 -23.42 17.26 7.09
N LYS D 233 -24.11 18.39 7.27
CA LYS D 233 -25.56 18.47 7.18
C LYS D 233 -25.88 18.75 5.73
N TYR D 234 -26.55 17.83 5.05
CA TYR D 234 -26.87 18.07 3.64
C TYR D 234 -28.35 18.43 3.45
N GLY D 235 -29.14 18.37 4.52
CA GLY D 235 -30.57 18.61 4.42
C GLY D 235 -31.14 19.11 5.73
N SER D 236 -32.34 19.67 5.63
CA SER D 236 -33.06 20.23 6.76
C SER D 236 -33.53 19.10 7.64
N ALA D 237 -33.78 17.97 6.98
CA ALA D 237 -34.07 16.71 7.64
C ALA D 237 -33.17 16.43 8.84
N ASP D 238 -33.72 15.69 9.78
CA ASP D 238 -32.97 15.27 10.96
C ASP D 238 -31.89 14.29 10.55
N SER D 239 -32.20 13.41 9.60
CA SER D 239 -31.28 12.36 9.23
C SER D 239 -30.21 12.83 8.26
N ALA D 240 -30.29 14.06 7.79
CA ALA D 240 -29.50 14.44 6.64
C ALA D 240 -28.07 14.71 6.98
N TRP D 241 -27.38 13.70 7.47
CA TRP D 241 -25.99 13.84 7.84
C TRP D 241 -25.07 12.84 7.15
N LEU D 242 -23.85 13.28 6.88
CA LEU D 242 -22.82 12.44 6.27
C LEU D 242 -21.52 12.53 7.05
N PHE D 243 -20.75 11.45 6.99
CA PHE D 243 -19.44 11.44 7.59
C PHE D 243 -18.38 11.22 6.52
N PHE D 244 -17.27 11.93 6.67
CA PHE D 244 -16.20 11.91 5.68
C PHE D 244 -14.90 11.63 6.35
N ASP D 245 -14.15 10.69 5.80
CA ASP D 245 -12.78 10.47 6.20
C ASP D 245 -11.91 10.29 4.96
N SER D 246 -10.95 11.20 4.77
CA SER D 246 -10.12 11.24 3.55
C SER D 246 -9.18 10.07 3.44
N MET D 247 -8.88 9.47 4.58
CA MET D 247 -7.99 8.34 4.64
C MET D 247 -8.71 7.24 5.39
N ALA D 248 -9.84 6.81 4.89
CA ALA D 248 -10.56 5.77 5.57
C ALA D 248 -9.97 4.40 5.26
N ASP D 249 -9.21 4.30 4.17
CA ASP D 249 -8.65 3.02 3.74
C ASP D 249 -7.50 3.17 2.75
N ARG D 250 -6.68 2.14 2.68
CA ARG D 250 -5.54 2.14 1.78
C ARG D 250 -5.45 0.90 0.92
N ASP D 251 -4.69 1.04 -0.17
CA ASP D 251 -4.24 -0.10 -0.95
C ASP D 251 -2.80 0.13 -1.41
N GLY D 252 -1.96 -0.90 -1.33
CA GLY D 252 -0.52 -0.80 -1.52
C GLY D 252 0.14 -0.72 -0.16
N GLY D 253 1.42 -1.03 -0.07
CA GLY D 253 2.12 -1.00 1.21
C GLY D 253 2.50 0.41 1.61
N GLN D 254 3.72 0.56 2.13
CA GLN D 254 4.33 1.88 2.29
C GLN D 254 4.23 2.64 0.94
N ASN D 255 4.51 1.91 -0.13
CA ASN D 255 4.22 2.37 -1.47
C ASN D 255 2.73 2.14 -1.58
N GLY D 256 1.94 3.18 -1.74
CA GLY D 256 0.51 2.99 -1.79
C GLY D 256 -0.27 4.25 -2.00
N PHE D 257 -1.53 4.20 -1.58
CA PHE D 257 -2.45 5.31 -1.76
C PHE D 257 -3.70 5.17 -0.91
N ASN D 258 -4.16 6.29 -0.40
CA ASN D 258 -5.31 6.34 0.48
C ASN D 258 -6.58 6.30 -0.32
N ILE D 259 -7.65 5.94 0.37
CA ILE D 259 -8.98 5.91 -0.22
C ILE D 259 -9.94 6.59 0.72
N PRO D 260 -10.56 7.67 0.26
CA PRO D 260 -11.47 8.36 1.12
C PRO D 260 -12.79 7.66 1.11
N GLN D 261 -13.60 7.89 2.14
CA GLN D 261 -14.92 7.37 2.20
C GLN D 261 -15.88 8.38 2.82
N VAL D 262 -17.12 8.30 2.34
CA VAL D 262 -18.23 9.13 2.80
C VAL D 262 -19.43 8.23 3.10
N SER D 263 -19.98 8.34 4.29
CA SER D 263 -21.02 7.40 4.72
C SER D 263 -22.19 8.14 5.34
N ARG D 264 -23.39 7.62 5.12
CA ARG D 264 -24.58 8.19 5.74
C ARG D 264 -24.53 7.91 7.22
N CYS D 265 -25.04 8.84 8.02
CA CYS D 265 -25.18 8.59 9.45
C CYS D 265 -26.36 9.31 10.08
N PRO D 266 -27.59 8.81 9.80
CA PRO D 266 -28.76 9.45 10.42
C PRO D 266 -28.64 9.54 11.94
N GLU D 267 -28.02 8.54 12.52
CA GLU D 267 -27.96 8.41 13.94
C GLU D 267 -27.59 9.75 14.54
N VAL D 268 -26.71 10.48 13.87
CA VAL D 268 -26.25 11.74 14.38
C VAL D 268 -27.46 12.60 14.69
N GLY D 269 -28.38 12.58 13.75
CA GLY D 269 -29.59 13.36 13.86
C GLY D 269 -30.36 12.91 15.07
N GLU D 270 -30.53 11.61 15.17
CA GLU D 270 -31.33 11.08 16.23
C GLU D 270 -30.82 11.49 17.58
N TYR D 271 -29.52 11.47 17.77
CA TYR D 271 -28.93 11.85 19.04
C TYR D 271 -29.07 13.34 19.32
N LEU D 272 -29.11 14.14 18.26
CA LEU D 272 -29.32 15.57 18.47
C LEU D 272 -30.78 15.96 18.76
N LYS D 273 -31.67 14.99 18.88
CA LYS D 273 -33.03 15.18 19.43
C LYS D 273 -33.06 14.82 20.91
N MET D 274 -32.11 13.99 21.36
CA MET D 274 -31.96 13.73 22.78
C MET D 274 -31.46 15.02 23.45
N THR D 275 -31.38 15.00 24.77
CA THR D 275 -30.97 16.19 25.49
C THR D 275 -29.54 16.06 25.94
N PRO D 276 -28.95 17.13 26.46
CA PRO D 276 -27.62 17.05 27.01
C PRO D 276 -27.53 16.14 28.24
N GLU D 277 -28.38 16.38 29.23
CA GLU D 277 -28.33 15.56 30.44
C GLU D 277 -28.55 14.08 30.10
N GLU D 278 -29.29 13.83 29.03
CA GLU D 278 -29.54 12.47 28.53
C GLU D 278 -28.31 11.87 27.86
N LEU D 279 -27.57 12.69 27.11
CA LEU D 279 -26.31 12.28 26.46
C LEU D 279 -25.14 12.20 27.43
N HIS D 280 -25.19 12.98 28.48
CA HIS D 280 -24.21 12.86 29.53
C HIS D 280 -24.23 11.48 30.15
N ALA D 281 -25.43 10.97 30.43
CA ALA D 281 -25.57 9.64 31.04
C ALA D 281 -25.01 8.55 30.14
N LEU D 282 -24.86 8.84 28.85
CA LEU D 282 -24.46 7.85 27.87
C LEU D 282 -22.94 7.64 27.74
N ASP D 283 -22.60 6.37 27.63
CA ASP D 283 -21.24 5.93 27.51
C ASP D 283 -20.85 6.04 26.07
N PRO D 284 -19.68 6.62 25.79
CA PRO D 284 -19.22 6.66 24.41
C PRO D 284 -19.21 5.32 23.66
N LYS D 285 -18.98 4.23 24.37
CA LYS D 285 -19.00 2.93 23.74
C LYS D 285 -20.40 2.50 23.36
N ASN D 286 -21.42 3.21 23.84
CA ASN D 286 -22.79 2.88 23.48
C ASN D 286 -23.38 3.82 22.47
N ILE D 287 -22.58 4.77 21.98
CA ILE D 287 -23.06 5.71 20.99
C ILE D 287 -22.88 5.16 19.58
N GLN D 288 -23.99 4.72 19.02
CA GLN D 288 -23.97 3.98 17.79
C GLN D 288 -23.37 4.75 16.61
N GLY D 289 -22.84 4.00 15.63
CA GLY D 289 -22.34 4.57 14.39
C GLY D 289 -21.31 5.64 14.63
N TYR D 290 -21.23 6.60 13.72
CA TYR D 290 -20.21 7.63 13.81
C TYR D 290 -20.53 8.77 14.75
N ALA D 291 -21.69 8.76 15.40
CA ALA D 291 -22.05 9.85 16.30
C ALA D 291 -21.03 10.11 17.42
N ARG D 292 -20.38 9.05 17.91
CA ARG D 292 -19.37 9.15 18.98
C ARG D 292 -18.41 10.30 18.71
N ARG D 293 -17.99 10.45 17.47
CA ARG D 293 -16.89 11.34 17.11
C ARG D 293 -17.34 12.77 16.98
N LEU D 294 -18.60 12.93 16.59
CA LEU D 294 -19.22 14.23 16.52
C LEU D 294 -19.41 14.82 17.89
N LEU D 295 -19.92 13.99 18.80
CA LEU D 295 -20.28 14.46 20.12
C LEU D 295 -19.07 14.59 21.00
N CYS D 296 -18.06 13.79 20.71
CA CYS D 296 -16.88 13.80 21.53
C CYS D 296 -15.70 14.54 20.95
N ASP D 297 -15.59 14.58 19.62
CA ASP D 297 -14.36 15.10 19.03
C ASP D 297 -14.56 16.35 18.20
N ALA D 298 -15.60 17.11 18.51
CA ALA D 298 -15.89 18.36 17.82
C ALA D 298 -14.72 19.31 18.02
N TYR D 299 -14.23 19.87 16.91
CA TYR D 299 -13.22 20.93 16.93
C TYR D 299 -13.82 22.25 16.48
N MET D 300 -14.36 22.27 15.27
CA MET D 300 -15.08 23.43 14.74
C MET D 300 -16.52 23.10 14.44
N CYS D 301 -17.43 23.96 14.87
CA CYS D 301 -18.81 23.90 14.43
C CYS D 301 -19.00 25.03 13.47
N MET D 302 -19.76 24.78 12.41
CA MET D 302 -19.92 25.74 11.35
C MET D 302 -21.39 26.04 11.06
N TYR D 303 -21.74 27.32 11.15
CA TYR D 303 -23.08 27.80 10.99
C TYR D 303 -23.16 28.78 9.84
N GLN D 304 -24.35 28.84 9.22
CA GLN D 304 -24.66 29.72 8.10
C GLN D 304 -26.04 30.34 8.34
N SER D 305 -26.34 31.41 7.61
CA SER D 305 -27.69 31.97 7.58
C SER D 305 -28.62 30.94 6.94
N PRO D 306 -29.82 30.74 7.52
CA PRO D 306 -30.52 29.53 7.10
C PRO D 306 -30.91 29.43 5.65
N THR D 307 -30.87 28.22 5.15
CA THR D 307 -31.26 27.90 3.79
C THR D 307 -32.06 26.61 3.79
N MET D 308 -31.50 25.58 4.42
CA MET D 308 -32.14 24.29 4.54
C MET D 308 -33.38 24.40 5.38
N SER D 309 -33.26 25.17 6.45
CA SER D 309 -34.32 25.29 7.44
C SER D 309 -35.62 25.65 6.75
N LEU D 310 -36.70 25.06 7.22
CA LEU D 310 -38.01 25.55 6.90
C LEU D 310 -38.57 26.09 8.17
N TYR D 311 -39.27 27.21 8.08
CA TYR D 311 -40.12 27.66 9.17
C TYR D 311 -39.29 28.27 10.28
N MET E 1 3.28 46.36 31.38
CA MET E 1 4.35 46.30 32.44
C MET E 1 4.30 45.06 33.35
N GLN E 2 3.12 44.72 33.89
CA GLN E 2 2.81 43.34 34.28
C GLN E 2 1.39 42.95 33.84
N ILE E 3 1.26 41.83 33.14
CA ILE E 3 -0.03 41.36 32.60
C ILE E 3 -0.27 39.88 32.85
N PHE E 4 -1.52 39.48 32.70
CA PHE E 4 -1.94 38.11 33.00
C PHE E 4 -2.30 37.36 31.74
N VAL E 5 -1.94 36.09 31.71
CA VAL E 5 -2.27 35.22 30.58
C VAL E 5 -2.97 34.00 31.12
N LYS E 6 -4.18 33.75 30.63
CA LYS E 6 -4.97 32.63 31.11
C LYS E 6 -5.07 31.52 30.09
N THR E 7 -4.92 30.29 30.55
CA THR E 7 -5.16 29.14 29.72
C THR E 7 -6.61 28.77 29.91
N LEU E 8 -7.09 27.84 29.10
CA LEU E 8 -8.46 27.34 29.23
C LEU E 8 -8.65 26.54 30.52
N THR E 9 -7.62 25.82 30.93
CA THR E 9 -7.66 24.98 32.13
C THR E 9 -8.04 25.79 33.39
N GLY E 10 -7.75 27.08 33.37
CA GLY E 10 -8.05 28.00 34.48
C GLY E 10 -6.80 28.72 34.95
N LYS E 11 -5.66 28.07 34.71
CA LYS E 11 -4.35 28.54 35.14
C LYS E 11 -4.02 29.96 34.65
N THR E 12 -3.63 30.82 35.58
CA THR E 12 -3.13 32.16 35.25
C THR E 12 -1.61 32.13 35.28
N ILE E 13 -0.99 32.94 34.45
CA ILE E 13 0.46 33.12 34.47
C ILE E 13 0.74 34.59 34.22
N THR E 14 1.72 35.12 34.93
CA THR E 14 2.00 36.55 34.91
C THR E 14 3.28 36.82 34.14
N LEU E 15 3.36 38.00 33.51
CA LEU E 15 4.50 38.34 32.66
C LEU E 15 4.92 39.77 32.88
N GLU E 16 6.23 39.99 33.01
CA GLU E 16 6.79 41.34 33.05
C GLU E 16 7.26 41.69 31.66
N VAL E 17 6.54 42.62 31.04
CA VAL E 17 6.72 42.92 29.63
C VAL E 17 6.71 44.42 29.40
N GLU E 18 7.13 44.82 28.20
CA GLU E 18 7.09 46.22 27.80
C GLU E 18 6.10 46.39 26.67
N PRO E 19 5.36 47.52 26.66
CA PRO E 19 4.48 47.78 25.52
C PRO E 19 5.19 47.58 24.18
N SER E 20 6.49 47.87 24.14
CA SER E 20 7.29 47.72 22.92
C SER E 20 7.41 46.28 22.43
N ASP E 21 7.25 45.30 23.33
CA ASP E 21 7.52 43.90 22.98
C ASP E 21 6.59 43.40 21.88
N THR E 22 7.09 42.43 21.10
CA THR E 22 6.30 41.79 20.06
C THR E 22 5.71 40.49 20.58
N ILE E 23 4.70 40.00 19.87
CA ILE E 23 3.98 38.82 20.32
C ILE E 23 4.91 37.60 20.29
N GLU E 24 5.88 37.59 19.39
CA GLU E 24 6.91 36.54 19.40
C GLU E 24 7.73 36.62 20.69
N ASN E 25 8.24 37.80 20.99
CA ASN E 25 8.96 38.06 22.25
C ASN E 25 8.19 37.56 23.47
N VAL E 26 6.87 37.66 23.41
CA VAL E 26 5.99 37.27 24.52
C VAL E 26 5.79 35.75 24.60
N LYS E 27 5.51 35.13 23.46
CA LYS E 27 5.41 33.66 23.39
C LYS E 27 6.72 32.97 23.78
N ALA E 28 7.83 33.66 23.54
CA ALA E 28 9.13 33.22 24.04
C ALA E 28 9.10 33.08 25.57
N LYS E 29 8.53 34.08 26.24
CA LYS E 29 8.44 34.09 27.70
C LYS E 29 7.44 33.05 28.19
N ILE E 30 6.33 32.94 27.48
CA ILE E 30 5.32 31.97 27.83
C ILE E 30 5.93 30.57 27.75
N GLN E 31 6.62 30.30 26.64
CA GLN E 31 7.21 29.00 26.42
C GLN E 31 8.09 28.60 27.59
N ASP E 32 8.88 29.55 28.08
CA ASP E 32 9.82 29.29 29.16
C ASP E 32 9.15 28.91 30.47
N LYS E 33 8.03 29.55 30.77
CA LYS E 33 7.27 29.21 31.96
C LYS E 33 6.45 27.94 31.79
N GLU E 34 6.01 27.61 30.57
CA GLU E 34 5.09 26.48 30.35
C GLU E 34 5.49 25.44 29.32
N GLY E 35 6.67 25.57 28.74
CA GLY E 35 7.18 24.57 27.81
C GLY E 35 6.28 24.30 26.62
N ILE E 36 5.87 25.36 25.93
CA ILE E 36 5.02 25.28 24.75
C ILE E 36 5.65 26.07 23.61
N PRO E 37 5.98 25.40 22.50
CA PRO E 37 6.52 26.09 21.35
C PRO E 37 5.59 27.18 20.86
N PRO E 38 6.13 28.38 20.61
CA PRO E 38 5.36 29.48 20.02
C PRO E 38 4.59 29.11 18.74
N ASP E 39 5.04 28.07 18.04
CA ASP E 39 4.30 27.47 16.93
C ASP E 39 2.86 27.18 17.33
N GLN E 40 2.72 26.57 18.49
CA GLN E 40 1.42 26.11 18.97
C GLN E 40 0.60 27.20 19.65
N GLN E 41 1.27 28.21 20.18
CA GLN E 41 0.60 29.23 20.96
C GLN E 41 -0.28 30.11 20.10
N ARG E 42 -1.47 30.42 20.62
CA ARG E 42 -2.43 31.31 19.96
C ARG E 42 -2.93 32.30 21.02
N LEU E 43 -2.45 33.54 20.96
CA LEU E 43 -2.82 34.55 21.96
C LEU E 43 -4.02 35.36 21.51
N ILE E 44 -4.84 35.74 22.48
CA ILE E 44 -6.07 36.46 22.20
C ILE E 44 -6.27 37.60 23.17
N PHE E 45 -6.66 38.74 22.62
CA PHE E 45 -7.02 39.90 23.43
C PHE E 45 -8.28 40.54 22.86
N ALA E 46 -9.25 40.83 23.72
CA ALA E 46 -10.53 41.39 23.30
C ALA E 46 -11.19 40.55 22.19
N GLY E 47 -11.08 39.23 22.32
CA GLY E 47 -11.62 38.30 21.31
C GLY E 47 -10.85 38.22 20.00
N LYS E 48 -9.68 38.87 19.94
CA LYS E 48 -8.88 38.99 18.71
C LYS E 48 -7.58 38.20 18.76
N GLN E 49 -7.31 37.43 17.71
CA GLN E 49 -6.07 36.67 17.58
C GLN E 49 -4.92 37.65 17.30
N LEU E 50 -3.80 37.47 17.97
CA LEU E 50 -2.72 38.43 17.87
C LEU E 50 -1.64 37.93 16.93
N GLU E 51 -1.26 38.76 15.97
CA GLU E 51 -0.23 38.42 15.01
C GLU E 51 1.15 38.56 15.63
N ASP E 52 2.08 37.73 15.15
CA ASP E 52 3.43 37.62 15.70
C ASP E 52 4.25 38.91 15.50
N GLY E 53 3.99 39.61 14.40
CA GLY E 53 4.75 40.81 14.04
C GLY E 53 4.45 42.03 14.89
N ARG E 54 3.18 42.21 15.24
CA ARG E 54 2.73 43.41 15.97
C ARG E 54 3.20 43.46 17.44
N THR E 55 3.07 44.64 18.06
CA THR E 55 3.45 44.84 19.46
C THR E 55 2.20 45.00 20.33
N LEU E 56 2.41 45.06 21.65
CA LEU E 56 1.31 45.14 22.60
C LEU E 56 0.66 46.51 22.60
N SER E 57 1.49 47.54 22.51
CA SER E 57 1.00 48.91 22.40
C SER E 57 0.04 49.02 21.22
N ASP E 58 0.35 48.30 20.14
CA ASP E 58 -0.45 48.32 18.91
C ASP E 58 -1.83 47.72 19.09
N TYR E 59 -1.93 46.64 19.87
CA TYR E 59 -3.23 46.05 20.20
C TYR E 59 -3.90 46.76 21.39
N ASN E 60 -3.35 47.90 21.80
CA ASN E 60 -3.84 48.69 22.93
C ASN E 60 -3.99 47.87 24.21
N ILE E 61 -2.97 47.06 24.48
CA ILE E 61 -2.91 46.27 25.71
C ILE E 61 -2.22 47.13 26.77
N GLN E 62 -2.90 47.35 27.89
CA GLN E 62 -2.33 48.14 29.00
C GLN E 62 -1.76 47.16 30.02
N ARG E 63 -1.08 47.70 31.02
CA ARG E 63 -0.65 46.89 32.16
C ARG E 63 -1.89 46.37 32.90
N GLU E 64 -1.79 45.14 33.39
CA GLU E 64 -2.89 44.46 34.10
C GLU E 64 -3.98 43.89 33.16
N SER E 65 -3.75 43.96 31.84
CA SER E 65 -4.67 43.34 30.89
C SER E 65 -4.62 41.83 31.03
N THR E 66 -5.63 41.14 30.50
CA THR E 66 -5.69 39.69 30.52
C THR E 66 -5.74 39.15 29.11
N LEU E 67 -4.76 38.30 28.78
CA LEU E 67 -4.77 37.61 27.49
C LEU E 67 -5.12 36.17 27.70
N HIS E 68 -5.75 35.58 26.69
CA HIS E 68 -6.02 34.15 26.71
C HIS E 68 -5.02 33.43 25.84
N LEU E 69 -4.62 32.24 26.31
CA LEU E 69 -3.72 31.40 25.55
C LEU E 69 -4.45 30.12 25.18
N VAL E 70 -4.20 29.70 23.95
CA VAL E 70 -4.84 28.54 23.35
C VAL E 70 -3.86 27.87 22.38
N LEU E 71 -3.92 26.54 22.29
CA LEU E 71 -3.03 25.79 21.42
C LEU E 71 -3.63 25.46 20.06
N ARG E 72 -2.74 25.17 19.11
CA ARG E 72 -3.15 24.65 17.82
C ARG E 72 -3.45 23.17 17.93
N LEU E 73 -4.07 22.61 16.91
CA LEU E 73 -4.36 21.20 16.89
C LEU E 73 -3.94 20.59 15.56
N ARG E 74 -2.64 20.63 15.30
CA ARG E 74 -2.09 20.14 14.05
C ARG E 74 -2.51 18.69 13.80
N GLY E 75 -2.99 18.40 12.60
CA GLY E 75 -3.30 17.03 12.22
C GLY E 75 -3.26 16.79 10.72
N GLY E 76 -3.69 15.60 10.31
CA GLY E 76 -3.61 15.17 8.90
C GLY E 76 -3.43 13.66 8.84
N MET F 1 -1.80 10.38 14.89
CA MET F 1 -1.18 9.78 13.70
C MET F 1 -2.09 8.65 13.27
N GLN F 2 -2.45 8.65 12.00
CA GLN F 2 -3.47 7.71 11.56
C GLN F 2 -2.83 6.66 10.65
N ILE F 3 -2.99 5.40 11.04
CA ILE F 3 -2.38 4.29 10.33
C ILE F 3 -3.35 3.15 10.12
N PHE F 4 -2.99 2.27 9.20
CA PHE F 4 -3.85 1.20 8.78
C PHE F 4 -3.32 -0.13 9.26
N VAL F 5 -4.23 -1.01 9.66
CA VAL F 5 -3.87 -2.36 10.06
C VAL F 5 -4.70 -3.34 9.26
N LYS F 6 -4.03 -4.24 8.55
CA LYS F 6 -4.72 -5.18 7.69
C LYS F 6 -4.64 -6.59 8.23
N THR F 7 -5.76 -7.27 8.14
CA THR F 7 -5.78 -8.66 8.48
C THR F 7 -5.52 -9.39 7.20
N LEU F 8 -5.34 -10.70 7.30
CA LEU F 8 -5.14 -11.56 6.14
C LEU F 8 -6.39 -11.63 5.27
N THR F 9 -7.54 -11.61 5.91
CA THR F 9 -8.83 -11.72 5.24
C THR F 9 -9.01 -10.64 4.17
N GLY F 10 -8.33 -9.51 4.37
CA GLY F 10 -8.42 -8.35 3.47
C GLY F 10 -8.86 -7.09 4.22
N LYS F 11 -9.58 -7.29 5.32
CA LYS F 11 -10.15 -6.23 6.14
C LYS F 11 -9.12 -5.23 6.62
N THR F 12 -9.41 -3.95 6.39
CA THR F 12 -8.56 -2.88 6.91
C THR F 12 -9.23 -2.32 8.15
N ILE F 13 -8.42 -1.82 9.08
CA ILE F 13 -8.91 -1.11 10.25
C ILE F 13 -7.94 0.04 10.53
N THR F 14 -8.50 1.17 10.90
CA THR F 14 -7.73 2.39 11.04
C THR F 14 -7.57 2.72 12.50
N LEU F 15 -6.47 3.39 12.84
CA LEU F 15 -6.17 3.71 14.22
C LEU F 15 -5.63 5.12 14.35
N GLU F 16 -6.13 5.87 15.35
CA GLU F 16 -5.57 7.18 15.68
C GLU F 16 -4.61 7.00 16.84
N VAL F 17 -3.34 7.17 16.54
CA VAL F 17 -2.26 6.80 17.47
C VAL F 17 -1.17 7.86 17.47
N GLU F 18 -0.29 7.76 18.46
CA GLU F 18 0.84 8.67 18.57
C GLU F 18 2.13 7.87 18.39
N PRO F 19 3.15 8.47 17.74
CA PRO F 19 4.44 7.80 17.63
C PRO F 19 4.92 7.29 18.98
N SER F 20 4.58 8.01 20.04
CA SER F 20 4.97 7.61 21.39
C SER F 20 4.35 6.28 21.86
N ASP F 21 3.22 5.86 21.30
CA ASP F 21 2.48 4.70 21.82
C ASP F 21 3.29 3.44 21.72
N THR F 22 3.00 2.51 22.62
CA THR F 22 3.64 1.20 22.61
C THR F 22 2.73 0.18 21.93
N ILE F 23 3.33 -0.93 21.54
CA ILE F 23 2.62 -1.91 20.76
C ILE F 23 1.51 -2.52 21.61
N GLU F 24 1.71 -2.57 22.92
CA GLU F 24 0.62 -3.01 23.82
C GLU F 24 -0.54 -2.03 23.73
N ASN F 25 -0.25 -0.74 23.91
CA ASN F 25 -1.23 0.35 23.79
C ASN F 25 -2.03 0.23 22.52
N VAL F 26 -1.37 -0.23 21.46
CA VAL F 26 -1.99 -0.37 20.16
C VAL F 26 -2.89 -1.61 20.07
N LYS F 27 -2.39 -2.76 20.53
CA LYS F 27 -3.17 -4.00 20.56
C LYS F 27 -4.40 -3.85 21.44
N ALA F 28 -4.29 -2.98 22.44
CA ALA F 28 -5.43 -2.57 23.25
C ALA F 28 -6.55 -1.98 22.38
N LYS F 29 -6.16 -1.10 21.46
CA LYS F 29 -7.10 -0.44 20.56
C LYS F 29 -7.64 -1.42 19.54
N ILE F 30 -6.76 -2.27 19.04
CA ILE F 30 -7.17 -3.28 18.08
C ILE F 30 -8.21 -4.20 18.70
N GLN F 31 -7.92 -4.66 19.91
CA GLN F 31 -8.80 -5.57 20.62
C GLN F 31 -10.21 -4.98 20.70
N ASP F 32 -10.29 -3.69 21.00
CA ASP F 32 -11.58 -3.03 21.19
C ASP F 32 -12.41 -2.98 19.91
N LYS F 33 -11.75 -2.78 18.78
CA LYS F 33 -12.44 -2.79 17.50
C LYS F 33 -12.77 -4.20 17.00
N GLU F 34 -11.95 -5.20 17.36
CA GLU F 34 -12.09 -6.55 16.79
C GLU F 34 -12.19 -7.72 17.78
N GLY F 35 -12.23 -7.42 19.07
CA GLY F 35 -12.43 -8.44 20.10
C GLY F 35 -11.42 -9.56 20.04
N ILE F 36 -10.14 -9.20 20.04
CA ILE F 36 -9.05 -10.17 20.02
C ILE F 36 -8.05 -9.83 21.14
N PRO F 37 -7.86 -10.76 22.09
CA PRO F 37 -6.87 -10.56 23.14
C PRO F 37 -5.47 -10.29 22.58
N PRO F 38 -4.78 -9.25 23.10
CA PRO F 38 -3.41 -8.92 22.70
C PRO F 38 -2.47 -10.10 22.81
N ASP F 39 -2.83 -11.09 23.64
CA ASP F 39 -2.13 -12.38 23.70
C ASP F 39 -1.96 -12.97 22.32
N GLN F 40 -3.06 -12.98 21.58
CA GLN F 40 -3.13 -13.62 20.28
C GLN F 40 -2.59 -12.75 19.16
N GLN F 41 -2.61 -11.44 19.35
CA GLN F 41 -2.25 -10.52 18.27
C GLN F 41 -0.77 -10.56 17.97
N ARG F 42 -0.45 -10.52 16.69
CA ARG F 42 0.93 -10.50 16.22
C ARG F 42 0.99 -9.41 15.15
N LEU F 43 1.60 -8.28 15.49
CA LEU F 43 1.73 -7.18 14.55
C LEU F 43 3.03 -7.22 13.77
N ILE F 44 2.96 -6.80 12.51
CA ILE F 44 4.11 -6.85 11.63
C ILE F 44 4.24 -5.57 10.81
N PHE F 45 5.47 -5.07 10.73
CA PHE F 45 5.78 -3.93 9.91
C PHE F 45 7.08 -4.18 9.17
N ALA F 46 7.09 -3.93 7.87
CA ALA F 46 8.27 -4.20 7.04
C ALA F 46 8.78 -5.65 7.21
N GLY F 47 7.82 -6.59 7.32
CA GLY F 47 8.14 -8.00 7.48
C GLY F 47 8.64 -8.40 8.85
N LYS F 48 8.59 -7.46 9.79
CA LYS F 48 9.16 -7.62 11.13
C LYS F 48 8.11 -7.71 12.22
N GLN F 49 8.25 -8.70 13.09
CA GLN F 49 7.35 -8.87 14.25
C GLN F 49 7.66 -7.79 15.30
N LEU F 50 6.62 -7.18 15.86
CA LEU F 50 6.82 -6.02 16.73
C LEU F 50 6.70 -6.43 18.17
N GLU F 51 7.70 -6.07 18.97
CA GLU F 51 7.71 -6.38 20.38
C GLU F 51 6.79 -5.44 21.13
N ASP F 52 6.22 -5.96 22.21
CA ASP F 52 5.22 -5.25 23.01
C ASP F 52 5.79 -4.02 23.72
N GLY F 53 7.06 -4.09 24.11
CA GLY F 53 7.72 -3.01 24.85
C GLY F 53 8.03 -1.76 24.04
N ARG F 54 8.43 -1.94 22.79
CA ARG F 54 8.86 -0.84 21.92
C ARG F 54 7.70 0.07 21.45
N THR F 55 8.07 1.23 20.91
CA THR F 55 7.09 2.21 20.41
C THR F 55 7.14 2.26 18.90
N LEU F 56 6.21 3.01 18.32
CA LEU F 56 6.07 3.08 16.86
C LEU F 56 7.19 3.89 16.25
N SER F 57 7.54 4.99 16.91
CA SER F 57 8.65 5.83 16.48
C SER F 57 9.91 4.98 16.36
N ASP F 58 10.05 4.03 17.28
CA ASP F 58 11.22 3.16 17.32
C ASP F 58 11.32 2.22 16.12
N TYR F 59 10.18 1.69 15.67
CA TYR F 59 10.14 0.87 14.45
C TYR F 59 10.05 1.72 13.18
N ASN F 60 10.26 3.02 13.33
CA ASN F 60 10.18 3.98 12.22
C ASN F 60 8.88 3.85 11.42
N ILE F 61 7.78 3.75 12.15
CA ILE F 61 6.44 3.77 11.57
C ILE F 61 5.96 5.23 11.54
N GLN F 62 5.50 5.67 10.38
CA GLN F 62 5.05 7.04 10.20
C GLN F 62 3.56 6.99 9.98
N LYS F 63 2.96 8.16 9.89
CA LYS F 63 1.53 8.26 9.62
C LYS F 63 1.25 7.65 8.26
N GLU F 64 0.14 6.93 8.15
CA GLU F 64 -0.26 6.30 6.89
C GLU F 64 0.44 4.98 6.59
N SER F 65 1.27 4.51 7.52
CA SER F 65 1.91 3.22 7.36
C SER F 65 0.86 2.12 7.44
N THR F 66 1.23 0.94 6.96
CA THR F 66 0.33 -0.21 6.98
C THR F 66 0.96 -1.35 7.77
N LEU F 67 0.27 -1.79 8.81
CA LEU F 67 0.71 -2.94 9.59
C LEU F 67 -0.17 -4.11 9.25
N HIS F 68 0.39 -5.31 9.34
CA HIS F 68 -0.40 -6.51 9.23
C HIS F 68 -0.68 -7.08 10.59
N LEU F 69 -1.86 -7.65 10.75
CA LEU F 69 -2.24 -8.32 11.98
C LEU F 69 -2.48 -9.78 11.69
N VAL F 70 -2.01 -10.60 12.62
CA VAL F 70 -2.04 -12.05 12.51
C VAL F 70 -2.18 -12.65 13.89
N LEU F 71 -2.87 -13.78 13.99
CA LEU F 71 -3.09 -14.42 15.28
C LEU F 71 -2.00 -15.46 15.60
N ARG F 72 -1.67 -15.58 16.89
CA ARG F 72 -0.58 -16.45 17.34
C ARG F 72 -1.01 -17.29 18.54
#